data_2XW0
#
_entry.id   2XW0
#
_cell.length_a   55.172
_cell.length_b   55.429
_cell.length_c   119.937
_cell.angle_alpha   81.12
_cell.angle_beta   91.04
_cell.angle_gamma   64.78
#
_symmetry.space_group_name_H-M   'P 1'
#
loop_
_entity.id
_entity.type
_entity.pdbx_description
1 polymer 'SERUM ALBUMIN'
2 non-polymer DANSYL-L-PHENYLALANINE
3 water water
#
_entity_poly.entity_id   1
_entity_poly.type   'polypeptide(L)'
_entity_poly.pdbx_seq_one_letter_code
;DAHKSEVAHRFKDLGEENFKALVLIAFAQYLQQCPFEDHVKLVNEVTEFAKTCVADESAENCDKSLHTLFGDKLCTVATL
RETYGEMADCCAKQEPERNECFLQHKDDNPNLPRLVRPEVDVMCTAFHDNEETFLKKYLYEIARRHPYFYAPELLFFAKR
YKAAFTECCQAADKAACLLPKLDELRDEGKASSAKQRLKCASLQKFGERAFKAWAVARLSQRFPKAEFAEVSKLVTDLTK
VHTECCHGDLLECADDRADLAKYICENQDSISSKLKECCEKPLLEKSHCIAEVENDEMPADLPSLAADFVESKDVCKNYA
EAKDVFLGMFLYEYARRHPDYSVVLLLRLAKTYETTLEKCCAAADPHECYAKVFDEFKPLVEEPQNLIKQNCELFEQLGE
YKFQNALLVRYTKKVPQVSTPTLVEVSRNLGKVGSKCCKHPEAKRMPCAEDYLSVVLNQLCVLHEKTPVSDRVTKCCTES
LVNRRPCFSALEVDETYVPKEFNAETFTFHADICTLSEKERQIKKQTALVELVKHKPKATKEQLKAVMDDFAAFVEKCCK
ADDKETCFAEEGKKLVAASQAALGL
;
_entity_poly.pdbx_strand_id   A,B
#
# COMPACT_ATOMS: atom_id res chain seq x y z
N SER A 5 -28.47 17.88 40.45
CA SER A 5 -28.98 17.20 39.22
C SER A 5 -28.18 15.95 38.89
N GLU A 6 -28.87 14.83 38.75
CA GLU A 6 -28.24 13.56 38.45
C GLU A 6 -27.87 13.45 36.98
N VAL A 7 -28.79 13.87 36.11
CA VAL A 7 -28.58 13.82 34.68
C VAL A 7 -27.35 14.63 34.25
N ALA A 8 -27.18 15.80 34.85
CA ALA A 8 -26.05 16.66 34.53
C ALA A 8 -24.77 15.95 34.96
N HIS A 9 -24.84 15.34 36.14
CA HIS A 9 -23.71 14.61 36.69
C HIS A 9 -23.17 13.55 35.73
N ARG A 10 -24.04 12.63 35.33
CA ARG A 10 -23.64 11.54 34.44
C ARG A 10 -23.28 12.02 33.04
N PHE A 11 -23.93 13.08 32.58
CA PHE A 11 -23.65 13.63 31.25
C PHE A 11 -22.19 14.07 31.17
N LYS A 12 -21.77 14.88 32.13
CA LYS A 12 -20.39 15.36 32.16
C LYS A 12 -19.42 14.18 32.14
N ASP A 13 -19.66 13.22 33.03
CA ASP A 13 -18.78 12.04 33.14
C ASP A 13 -18.65 11.23 31.86
N LEU A 14 -19.78 10.96 31.22
CA LEU A 14 -19.79 10.12 30.03
C LEU A 14 -19.60 10.86 28.72
N GLY A 15 -19.94 12.14 28.69
CA GLY A 15 -19.83 12.88 27.45
C GLY A 15 -21.15 12.73 26.73
N GLU A 16 -21.33 13.45 25.62
CA GLU A 16 -22.57 13.38 24.87
C GLU A 16 -22.70 12.15 23.99
N GLU A 17 -21.59 11.72 23.41
CA GLU A 17 -21.62 10.57 22.52
C GLU A 17 -22.02 9.28 23.29
N ASN A 18 -21.37 9.02 24.42
CA ASN A 18 -21.68 7.83 25.19
C ASN A 18 -23.03 7.95 25.89
N PHE A 19 -23.31 9.12 26.47
CA PHE A 19 -24.57 9.37 27.14
C PHE A 19 -25.73 9.06 26.20
N LYS A 20 -25.64 9.51 24.96
CA LYS A 20 -26.69 9.29 23.98
C LYS A 20 -26.84 7.82 23.65
N ALA A 21 -25.73 7.12 23.47
CA ALA A 21 -25.78 5.71 23.15
C ALA A 21 -26.39 4.93 24.31
N LEU A 22 -25.89 5.16 25.52
CA LEU A 22 -26.41 4.46 26.67
C LEU A 22 -27.91 4.64 26.88
N VAL A 23 -28.42 5.85 26.65
CA VAL A 23 -29.85 6.11 26.83
C VAL A 23 -30.66 5.39 25.76
N LEU A 24 -30.09 5.31 24.56
CA LEU A 24 -30.75 4.63 23.46
C LEU A 24 -30.90 3.16 23.81
N ILE A 25 -29.83 2.57 24.34
CA ILE A 25 -29.86 1.17 24.71
C ILE A 25 -30.89 0.92 25.80
N ALA A 26 -30.92 1.81 26.79
CA ALA A 26 -31.87 1.67 27.89
C ALA A 26 -33.30 1.61 27.37
N PHE A 27 -33.64 2.49 26.44
CA PHE A 27 -34.98 2.54 25.88
C PHE A 27 -35.29 1.33 25.03
N ALA A 28 -34.29 0.83 24.32
CA ALA A 28 -34.47 -0.33 23.47
C ALA A 28 -34.75 -1.58 24.31
N GLN A 29 -34.09 -1.66 25.46
CA GLN A 29 -34.25 -2.79 26.37
C GLN A 29 -35.53 -2.78 27.18
N TYR A 30 -36.08 -1.60 27.40
CA TYR A 30 -37.33 -1.47 28.13
C TYR A 30 -38.50 -1.71 27.18
N LEU A 31 -38.57 -0.95 26.10
CA LEU A 31 -39.65 -1.11 25.10
C LEU A 31 -39.05 -1.69 23.84
N GLN A 32 -38.91 -3.02 23.82
CA GLN A 32 -38.31 -3.76 22.71
C GLN A 32 -39.16 -3.83 21.44
N GLN A 33 -40.44 -3.50 21.57
CA GLN A 33 -41.33 -3.56 20.42
C GLN A 33 -41.40 -2.24 19.65
N CYS A 34 -41.24 -1.13 20.34
CA CYS A 34 -41.28 0.19 19.70
C CYS A 34 -40.26 0.37 18.58
N PRO A 35 -40.66 1.07 17.50
CA PRO A 35 -39.78 1.30 16.35
C PRO A 35 -38.61 2.28 16.62
N PHE A 36 -37.57 2.16 15.80
CA PHE A 36 -36.36 2.97 15.92
C PHE A 36 -36.56 4.48 15.98
N GLU A 37 -37.43 5.01 15.13
CA GLU A 37 -37.67 6.44 15.10
C GLU A 37 -38.10 6.98 16.46
N ASP A 38 -39.05 6.31 17.08
CA ASP A 38 -39.56 6.73 18.37
C ASP A 38 -38.49 6.86 19.44
N HIS A 39 -37.66 5.84 19.59
CA HIS A 39 -36.61 5.87 20.58
C HIS A 39 -35.66 7.03 20.27
N VAL A 40 -35.28 7.15 19.00
CA VAL A 40 -34.39 8.22 18.56
C VAL A 40 -34.96 9.59 18.98
N LYS A 41 -36.27 9.76 18.82
CA LYS A 41 -36.95 11.00 19.19
C LYS A 41 -36.80 11.31 20.68
N LEU A 42 -37.15 10.34 21.51
CA LEU A 42 -37.07 10.47 22.96
C LEU A 42 -35.64 10.69 23.45
N VAL A 43 -34.68 10.03 22.81
CA VAL A 43 -33.29 10.19 23.19
C VAL A 43 -32.88 11.65 23.08
N ASN A 44 -33.14 12.24 21.91
CA ASN A 44 -32.80 13.63 21.67
C ASN A 44 -33.51 14.55 22.63
N GLU A 45 -34.82 14.37 22.77
CA GLU A 45 -35.59 15.19 23.69
C GLU A 45 -34.95 15.13 25.07
N VAL A 46 -34.59 13.93 25.49
CA VAL A 46 -33.96 13.73 26.79
C VAL A 46 -32.56 14.36 26.83
N THR A 47 -31.80 14.17 25.75
CA THR A 47 -30.44 14.70 25.67
C THR A 47 -30.38 16.21 25.74
N GLU A 48 -31.33 16.88 25.08
CA GLU A 48 -31.36 18.33 25.12
C GLU A 48 -31.66 18.81 26.52
N PHE A 49 -32.65 18.19 27.15
CA PHE A 49 -33.04 18.53 28.52
C PHE A 49 -31.79 18.46 29.39
N ALA A 50 -30.98 17.43 29.16
CA ALA A 50 -29.75 17.25 29.93
C ALA A 50 -28.80 18.44 29.77
N LYS A 51 -28.72 18.98 28.55
CA LYS A 51 -27.85 20.11 28.29
C LYS A 51 -28.26 21.38 29.03
N THR A 52 -29.56 21.57 29.21
CA THR A 52 -30.07 22.73 29.92
C THR A 52 -29.74 22.59 31.41
N CYS A 53 -29.69 21.34 31.89
CA CYS A 53 -29.39 21.08 33.29
C CYS A 53 -27.93 21.33 33.62
N VAL A 54 -27.04 21.04 32.68
CA VAL A 54 -25.62 21.26 32.90
C VAL A 54 -25.41 22.72 33.29
N ALA A 55 -26.07 23.60 32.54
CA ALA A 55 -25.99 25.04 32.78
C ALA A 55 -26.71 25.40 34.08
N ASP A 56 -28.04 25.33 34.03
CA ASP A 56 -28.88 25.63 35.18
C ASP A 56 -29.26 24.36 35.92
N GLU A 57 -28.40 23.95 36.86
CA GLU A 57 -28.61 22.74 37.63
C GLU A 57 -29.79 22.86 38.59
N SER A 58 -30.86 23.51 38.13
CA SER A 58 -32.08 23.71 38.91
C SER A 58 -33.18 24.22 37.99
N ALA A 59 -33.02 23.95 36.70
CA ALA A 59 -33.97 24.37 35.68
C ALA A 59 -35.35 23.72 35.86
N GLU A 60 -35.75 22.91 34.88
CA GLU A 60 -37.03 22.24 34.91
C GLU A 60 -37.17 21.25 36.06
N ASN A 61 -36.70 20.03 35.84
CA ASN A 61 -36.77 18.98 36.84
C ASN A 61 -35.43 18.29 36.96
N CYS A 62 -34.36 19.07 36.87
CA CYS A 62 -33.01 18.53 36.95
C CYS A 62 -32.73 17.88 38.31
N ASP A 63 -33.64 18.06 39.25
CA ASP A 63 -33.45 17.51 40.58
C ASP A 63 -33.88 16.05 40.65
N LYS A 64 -34.80 15.65 39.76
CA LYS A 64 -35.32 14.29 39.70
C LYS A 64 -34.30 13.20 39.42
N SER A 65 -34.70 11.97 39.76
CA SER A 65 -33.87 10.79 39.55
C SER A 65 -34.01 10.31 38.12
N LEU A 66 -32.99 9.62 37.63
CA LEU A 66 -32.99 9.11 36.26
C LEU A 66 -34.24 8.30 35.92
N HIS A 67 -34.64 7.41 36.82
CA HIS A 67 -35.81 6.59 36.56
C HIS A 67 -37.08 7.40 36.34
N THR A 68 -37.31 8.41 37.16
CA THR A 68 -38.49 9.24 37.03
C THR A 68 -38.50 9.81 35.61
N LEU A 69 -37.42 10.48 35.25
CA LEU A 69 -37.29 11.08 33.92
C LEU A 69 -37.45 10.05 32.80
N PHE A 70 -36.61 9.02 32.81
CA PHE A 70 -36.69 8.00 31.78
C PHE A 70 -38.07 7.35 31.74
N GLY A 71 -38.66 7.20 32.92
CA GLY A 71 -39.98 6.59 32.99
C GLY A 71 -41.03 7.43 32.31
N ASP A 72 -41.03 8.73 32.62
CA ASP A 72 -42.00 9.64 32.06
C ASP A 72 -41.88 9.81 30.54
N LYS A 73 -40.67 9.66 30.02
CA LYS A 73 -40.43 9.81 28.58
C LYS A 73 -40.88 8.58 27.78
N LEU A 74 -40.87 7.41 28.42
CA LEU A 74 -41.28 6.17 27.76
C LEU A 74 -42.79 6.04 27.86
N CYS A 75 -43.36 6.62 28.91
CA CYS A 75 -44.79 6.55 29.13
C CYS A 75 -45.58 7.47 28.21
N THR A 76 -44.88 8.14 27.30
CA THR A 76 -45.54 9.02 26.36
C THR A 76 -45.71 8.29 25.04
N VAL A 77 -45.38 7.01 25.03
CA VAL A 77 -45.49 6.20 23.82
C VAL A 77 -45.89 4.74 24.06
N ALA A 78 -46.24 4.40 25.29
CA ALA A 78 -46.64 3.03 25.61
C ALA A 78 -48.16 2.84 25.51
N ALA A 88 -49.28 -0.14 29.59
CA ALA A 88 -50.04 0.98 30.15
C ALA A 88 -50.10 0.87 31.67
N ASP A 89 -50.41 -0.33 32.15
CA ASP A 89 -50.50 -0.57 33.58
C ASP A 89 -49.18 -0.20 34.28
N CYS A 90 -48.06 -0.43 33.60
CA CYS A 90 -46.75 -0.09 34.17
C CYS A 90 -46.68 1.41 34.42
N CYS A 91 -47.13 2.19 33.44
CA CYS A 91 -47.11 3.64 33.53
C CYS A 91 -48.14 4.22 34.50
N ALA A 92 -49.06 3.36 34.95
CA ALA A 92 -50.08 3.79 35.91
C ALA A 92 -49.45 3.82 37.31
N LYS A 93 -48.36 3.08 37.48
CA LYS A 93 -47.66 3.02 38.77
C LYS A 93 -46.70 4.20 38.96
N GLN A 94 -46.03 4.25 40.10
CA GLN A 94 -45.10 5.35 40.38
C GLN A 94 -43.67 4.91 40.75
N GLU A 95 -42.78 5.90 40.79
CA GLU A 95 -41.35 5.75 41.09
C GLU A 95 -40.74 4.34 41.18
N PRO A 96 -40.84 3.67 42.34
CA PRO A 96 -40.23 2.34 42.39
C PRO A 96 -41.01 1.26 41.65
N GLU A 97 -42.29 1.12 42.00
CA GLU A 97 -43.14 0.11 41.40
C GLU A 97 -43.14 0.20 39.87
N ARG A 98 -43.13 1.42 39.36
CA ARG A 98 -43.14 1.63 37.92
C ARG A 98 -41.89 1.06 37.27
N ASN A 99 -40.73 1.36 37.83
CA ASN A 99 -39.47 0.87 37.27
C ASN A 99 -39.41 -0.65 37.33
N GLU A 100 -39.74 -1.21 38.49
CA GLU A 100 -39.72 -2.67 38.66
C GLU A 100 -40.62 -3.29 37.61
N CYS A 101 -41.73 -2.62 37.31
CA CYS A 101 -42.68 -3.10 36.32
C CYS A 101 -41.99 -3.38 35.00
N PHE A 102 -41.25 -2.39 34.49
CA PHE A 102 -40.53 -2.52 33.22
C PHE A 102 -39.54 -3.67 33.25
N LEU A 103 -38.78 -3.76 34.35
CA LEU A 103 -37.79 -4.82 34.50
C LEU A 103 -38.42 -6.20 34.38
N GLN A 104 -39.57 -6.39 35.01
CA GLN A 104 -40.26 -7.68 34.95
C GLN A 104 -40.87 -7.97 33.58
N HIS A 105 -40.96 -6.96 32.72
CA HIS A 105 -41.53 -7.17 31.39
C HIS A 105 -40.52 -7.30 30.26
N LYS A 106 -39.23 -7.29 30.58
CA LYS A 106 -38.21 -7.47 29.56
C LYS A 106 -38.50 -8.85 29.00
N ASP A 107 -38.25 -9.04 27.72
CA ASP A 107 -38.52 -10.34 27.15
C ASP A 107 -37.26 -10.95 26.57
N ASP A 108 -36.82 -12.06 27.17
CA ASP A 108 -35.62 -12.78 26.73
C ASP A 108 -35.78 -13.47 25.37
N ASN A 109 -37.02 -13.59 24.91
CA ASN A 109 -37.27 -14.23 23.62
C ASN A 109 -38.30 -13.42 22.82
N PRO A 110 -38.03 -12.13 22.61
CA PRO A 110 -38.96 -11.29 21.86
C PRO A 110 -39.34 -11.86 20.50
N ASN A 111 -40.62 -11.73 20.16
CA ASN A 111 -41.12 -12.23 18.90
C ASN A 111 -40.73 -11.28 17.77
N LEU A 112 -39.43 -11.06 17.61
CA LEU A 112 -38.97 -10.16 16.57
C LEU A 112 -38.54 -10.92 15.33
N PRO A 113 -38.71 -10.29 14.15
CA PRO A 113 -38.35 -10.92 12.87
C PRO A 113 -36.86 -11.14 12.76
N ARG A 114 -36.47 -12.31 12.26
CA ARG A 114 -35.06 -12.63 12.09
C ARG A 114 -34.39 -11.45 11.38
N LEU A 115 -33.14 -11.18 11.75
CA LEU A 115 -32.42 -10.06 11.15
C LEU A 115 -31.58 -10.50 9.94
N VAL A 116 -31.92 -9.99 8.77
CA VAL A 116 -31.20 -10.31 7.54
C VAL A 116 -30.38 -9.09 7.12
N ARG A 117 -29.21 -9.34 6.54
CA ARG A 117 -28.30 -8.28 6.11
C ARG A 117 -28.30 -8.06 4.60
N PRO A 118 -28.55 -6.83 4.15
CA PRO A 118 -28.57 -6.51 2.72
C PRO A 118 -27.20 -6.77 2.09
N GLU A 119 -27.13 -6.73 0.77
CA GLU A 119 -25.86 -6.96 0.09
C GLU A 119 -24.84 -5.92 0.52
N VAL A 120 -23.59 -6.35 0.59
CA VAL A 120 -22.47 -5.49 1.01
C VAL A 120 -22.57 -4.08 0.44
N ASP A 121 -22.91 -3.98 -0.84
CA ASP A 121 -23.03 -2.70 -1.51
C ASP A 121 -23.99 -1.75 -0.81
N VAL A 122 -25.14 -2.27 -0.39
CA VAL A 122 -26.15 -1.44 0.27
C VAL A 122 -25.67 -0.95 1.64
N MET A 123 -25.06 -1.83 2.41
CA MET A 123 -24.57 -1.49 3.74
C MET A 123 -23.53 -0.38 3.70
N CYS A 124 -22.52 -0.54 2.85
CA CYS A 124 -21.47 0.47 2.75
C CYS A 124 -21.99 1.84 2.32
N THR A 125 -23.05 1.86 1.53
CA THR A 125 -23.65 3.12 1.07
C THR A 125 -24.35 3.79 2.25
N ALA A 126 -25.12 2.99 2.99
CA ALA A 126 -25.86 3.46 4.15
C ALA A 126 -24.89 3.91 5.25
N PHE A 127 -23.76 3.22 5.33
CA PHE A 127 -22.73 3.54 6.31
C PHE A 127 -22.05 4.87 5.96
N HIS A 128 -21.58 4.99 4.73
CA HIS A 128 -20.92 6.21 4.27
C HIS A 128 -21.82 7.43 4.29
N ASP A 129 -23.05 7.28 3.81
CA ASP A 129 -23.99 8.39 3.79
C ASP A 129 -24.20 8.94 5.19
N ASN A 130 -24.89 8.16 6.02
CA ASN A 130 -25.16 8.55 7.40
C ASN A 130 -24.56 7.50 8.32
N GLU A 131 -23.46 7.88 8.96
CA GLU A 131 -22.71 7.03 9.87
C GLU A 131 -23.32 6.92 11.27
N GLU A 132 -23.72 8.05 11.84
CA GLU A 132 -24.30 8.07 13.17
C GLU A 132 -25.60 7.26 13.19
N THR A 133 -26.41 7.38 12.14
CA THR A 133 -27.66 6.65 12.07
C THR A 133 -27.40 5.16 11.91
N PHE A 134 -26.50 4.81 11.00
CA PHE A 134 -26.16 3.41 10.73
C PHE A 134 -25.72 2.74 12.03
N LEU A 135 -24.94 3.45 12.85
CA LEU A 135 -24.46 2.91 14.11
C LEU A 135 -25.53 2.84 15.19
N LYS A 136 -26.41 3.84 15.23
CA LYS A 136 -27.48 3.89 16.22
C LYS A 136 -28.52 2.81 16.01
N LYS A 137 -28.63 2.30 14.78
CA LYS A 137 -29.61 1.26 14.48
C LYS A 137 -29.04 -0.11 14.82
N TYR A 138 -27.71 -0.20 14.76
CA TYR A 138 -27.05 -1.45 15.11
C TYR A 138 -27.28 -1.63 16.61
N LEU A 139 -27.00 -0.57 17.37
CA LEU A 139 -27.19 -0.60 18.81
C LEU A 139 -28.63 -0.99 19.15
N TYR A 140 -29.56 -0.33 18.47
CA TYR A 140 -30.98 -0.57 18.67
C TYR A 140 -31.41 -2.01 18.41
N GLU A 141 -30.98 -2.58 17.28
CA GLU A 141 -31.36 -3.93 16.93
C GLU A 141 -30.77 -5.00 17.85
N ILE A 142 -29.65 -4.68 18.50
CA ILE A 142 -29.03 -5.64 19.40
C ILE A 142 -29.71 -5.52 20.77
N ALA A 143 -29.73 -4.31 21.30
CA ALA A 143 -30.33 -4.05 22.60
C ALA A 143 -31.77 -4.53 22.74
N ARG A 144 -32.55 -4.48 21.66
CA ARG A 144 -33.95 -4.91 21.74
C ARG A 144 -34.07 -6.44 21.71
N ARG A 145 -33.08 -7.11 21.12
CA ARG A 145 -33.11 -8.57 21.07
C ARG A 145 -32.46 -9.19 22.28
N HIS A 146 -31.56 -8.45 22.91
CA HIS A 146 -30.84 -8.90 24.11
C HIS A 146 -31.03 -7.86 25.20
N PRO A 147 -32.22 -7.80 25.80
CA PRO A 147 -32.52 -6.82 26.87
C PRO A 147 -31.59 -6.79 28.08
N TYR A 148 -30.69 -7.76 28.19
CA TYR A 148 -29.74 -7.82 29.31
C TYR A 148 -28.29 -7.63 28.86
N PHE A 149 -28.09 -7.29 27.59
CA PHE A 149 -26.72 -7.12 27.11
C PHE A 149 -26.01 -6.08 27.98
N TYR A 150 -24.75 -6.38 28.32
CA TYR A 150 -23.93 -5.53 29.16
C TYR A 150 -23.64 -4.22 28.42
N ALA A 151 -24.51 -3.24 28.67
CA ALA A 151 -24.43 -1.91 28.05
C ALA A 151 -23.02 -1.36 27.73
N PRO A 152 -22.16 -1.20 28.74
CA PRO A 152 -20.81 -0.68 28.48
C PRO A 152 -20.07 -1.45 27.38
N GLU A 153 -20.22 -2.78 27.37
CA GLU A 153 -19.57 -3.64 26.36
C GLU A 153 -20.24 -3.51 24.99
N LEU A 154 -21.53 -3.16 25.00
CA LEU A 154 -22.26 -2.99 23.76
C LEU A 154 -21.64 -1.81 23.02
N LEU A 155 -21.17 -0.82 23.77
CA LEU A 155 -20.54 0.35 23.17
C LEU A 155 -19.21 -0.05 22.55
N PHE A 156 -18.57 -1.07 23.13
CA PHE A 156 -17.30 -1.55 22.63
C PHE A 156 -17.52 -2.29 21.32
N PHE A 157 -18.58 -3.08 21.24
CA PHE A 157 -18.85 -3.81 20.01
C PHE A 157 -19.18 -2.78 18.92
N ALA A 158 -19.89 -1.73 19.30
CA ALA A 158 -20.27 -0.69 18.35
C ALA A 158 -19.05 -0.14 17.63
N LYS A 159 -18.05 0.27 18.40
CA LYS A 159 -16.83 0.82 17.82
C LYS A 159 -16.12 -0.18 16.90
N ARG A 160 -16.09 -1.45 17.28
CA ARG A 160 -15.44 -2.45 16.46
C ARG A 160 -16.24 -2.69 15.18
N TYR A 161 -17.55 -2.49 15.26
CA TYR A 161 -18.40 -2.65 14.11
C TYR A 161 -18.09 -1.51 13.15
N LYS A 162 -17.89 -0.32 13.73
CA LYS A 162 -17.59 0.84 12.92
C LYS A 162 -16.28 0.63 12.20
N ALA A 163 -15.31 0.07 12.91
CA ALA A 163 -13.99 -0.18 12.33
C ALA A 163 -14.07 -1.23 11.23
N ALA A 164 -15.05 -2.12 11.32
CA ALA A 164 -15.22 -3.15 10.32
C ALA A 164 -15.56 -2.51 8.98
N PHE A 165 -16.63 -1.71 8.97
CA PHE A 165 -17.10 -1.03 7.76
C PHE A 165 -16.10 -0.01 7.24
N THR A 166 -15.66 0.87 8.14
CA THR A 166 -14.73 1.91 7.75
C THR A 166 -13.54 1.34 7.00
N GLU A 167 -13.13 0.13 7.34
CA GLU A 167 -11.98 -0.49 6.69
C GLU A 167 -12.33 -1.32 5.45
N CYS A 168 -13.34 -2.15 5.58
CA CYS A 168 -13.73 -3.02 4.48
C CYS A 168 -14.44 -2.36 3.31
N CYS A 169 -15.17 -1.29 3.56
CA CYS A 169 -15.90 -0.60 2.48
C CYS A 169 -15.01 0.13 1.47
N GLN A 170 -13.71 0.24 1.76
CA GLN A 170 -12.77 0.91 0.87
C GLN A 170 -11.68 -0.07 0.44
N ALA A 171 -12.06 -1.31 0.18
CA ALA A 171 -11.11 -2.34 -0.22
C ALA A 171 -11.40 -2.90 -1.61
N ALA A 172 -10.68 -3.96 -1.99
CA ALA A 172 -10.87 -4.58 -3.30
C ALA A 172 -12.19 -5.36 -3.34
N ASP A 173 -12.29 -6.35 -2.45
CA ASP A 173 -13.49 -7.17 -2.35
C ASP A 173 -13.99 -7.07 -0.92
N LYS A 174 -14.97 -6.20 -0.71
CA LYS A 174 -15.56 -5.98 0.60
C LYS A 174 -16.26 -7.25 1.11
N ALA A 175 -17.10 -7.85 0.26
CA ALA A 175 -17.80 -9.07 0.64
C ALA A 175 -16.85 -9.99 1.38
N ALA A 176 -15.63 -10.11 0.85
CA ALA A 176 -14.63 -10.97 1.43
C ALA A 176 -14.04 -10.41 2.74
N CYS A 177 -13.96 -9.09 2.82
CA CYS A 177 -13.40 -8.41 3.99
C CYS A 177 -14.42 -8.23 5.13
N LEU A 178 -15.64 -7.84 4.79
CA LEU A 178 -16.69 -7.61 5.77
C LEU A 178 -17.39 -8.85 6.34
N LEU A 179 -18.13 -9.56 5.50
CA LEU A 179 -18.87 -10.75 5.94
C LEU A 179 -18.20 -11.56 7.05
N PRO A 180 -16.90 -11.90 6.92
CA PRO A 180 -16.21 -12.67 7.97
C PRO A 180 -16.22 -11.91 9.29
N LYS A 181 -15.62 -10.72 9.29
CA LYS A 181 -15.55 -9.90 10.49
C LYS A 181 -16.89 -9.71 11.17
N LEU A 182 -17.95 -9.80 10.40
CA LEU A 182 -19.29 -9.63 10.95
C LEU A 182 -19.81 -10.89 11.62
N ASP A 183 -19.39 -12.05 11.11
CA ASP A 183 -19.83 -13.31 11.68
C ASP A 183 -19.17 -13.47 13.03
N GLU A 184 -17.87 -13.17 13.06
CA GLU A 184 -17.09 -13.24 14.28
C GLU A 184 -17.78 -12.35 15.33
N LEU A 185 -18.25 -11.18 14.89
CA LEU A 185 -18.94 -10.26 15.78
C LEU A 185 -20.30 -10.77 16.22
N ARG A 186 -21.06 -11.40 15.31
CA ARG A 186 -22.37 -11.93 15.67
C ARG A 186 -22.22 -12.98 16.77
N ASP A 187 -21.31 -13.92 16.58
CA ASP A 187 -21.08 -14.98 17.56
C ASP A 187 -20.60 -14.42 18.90
N GLU A 188 -19.49 -13.69 18.87
CA GLU A 188 -18.95 -13.13 20.10
C GLU A 188 -19.97 -12.25 20.81
N GLY A 189 -20.89 -11.65 20.05
CA GLY A 189 -21.90 -10.81 20.66
C GLY A 189 -22.88 -11.68 21.44
N LYS A 190 -23.22 -12.81 20.84
CA LYS A 190 -24.15 -13.74 21.46
C LYS A 190 -23.53 -14.37 22.71
N ALA A 191 -22.26 -14.77 22.62
CA ALA A 191 -21.57 -15.34 23.76
C ALA A 191 -21.63 -14.28 24.86
N SER A 192 -21.18 -13.07 24.52
CA SER A 192 -21.18 -11.96 25.47
C SER A 192 -22.55 -11.80 26.15
N SER A 193 -23.61 -11.77 25.35
CA SER A 193 -24.96 -11.64 25.87
C SER A 193 -25.27 -12.78 26.84
N ALA A 194 -24.88 -14.00 26.48
CA ALA A 194 -25.13 -15.15 27.33
C ALA A 194 -24.43 -15.01 28.70
N LYS A 195 -23.11 -14.79 28.68
CA LYS A 195 -22.38 -14.62 29.93
C LYS A 195 -23.02 -13.55 30.83
N GLN A 196 -23.45 -12.43 30.25
CA GLN A 196 -24.07 -11.41 31.09
C GLN A 196 -25.46 -11.84 31.57
N ARG A 197 -26.15 -12.66 30.78
CA ARG A 197 -27.48 -13.11 31.21
C ARG A 197 -27.36 -13.95 32.46
N LEU A 198 -26.25 -14.65 32.62
CA LEU A 198 -26.03 -15.48 33.80
C LEU A 198 -25.81 -14.61 35.05
N LYS A 199 -25.02 -13.54 34.91
CA LYS A 199 -24.73 -12.65 36.03
C LYS A 199 -26.00 -11.99 36.56
N CYS A 200 -26.89 -11.59 35.66
CA CYS A 200 -28.12 -10.96 36.11
C CYS A 200 -29.05 -11.95 36.81
N ALA A 201 -29.12 -13.18 36.28
CA ALA A 201 -29.97 -14.24 36.86
C ALA A 201 -29.43 -14.55 38.25
N SER A 202 -28.11 -14.64 38.35
CA SER A 202 -27.46 -14.89 39.62
C SER A 202 -27.90 -13.85 40.65
N LEU A 203 -27.72 -12.58 40.30
CA LEU A 203 -28.11 -11.49 41.19
C LEU A 203 -29.60 -11.53 41.48
N GLN A 204 -30.40 -11.47 40.41
CA GLN A 204 -31.84 -11.47 40.56
C GLN A 204 -32.48 -12.73 41.19
N LYS A 205 -31.99 -13.92 40.86
CA LYS A 205 -32.62 -15.12 41.43
C LYS A 205 -31.96 -15.74 42.67
N PHE A 206 -30.69 -15.46 42.89
CA PHE A 206 -29.98 -16.04 44.05
C PHE A 206 -29.47 -15.09 45.13
N GLY A 207 -29.35 -13.80 44.82
CA GLY A 207 -28.90 -12.85 45.82
C GLY A 207 -27.47 -12.41 45.58
N GLU A 208 -27.08 -11.26 46.13
CA GLU A 208 -25.73 -10.78 45.89
C GLU A 208 -24.69 -11.65 46.55
N ARG A 209 -25.07 -12.41 47.55
CA ARG A 209 -24.11 -13.26 48.22
C ARG A 209 -23.61 -14.41 47.30
N ALA A 210 -24.50 -14.92 46.47
CA ALA A 210 -24.12 -15.98 45.53
C ALA A 210 -23.21 -15.36 44.47
N PHE A 211 -23.52 -14.13 44.05
CA PHE A 211 -22.74 -13.44 43.04
C PHE A 211 -21.32 -13.17 43.53
N LYS A 212 -21.24 -12.59 44.73
CA LYS A 212 -19.97 -12.26 45.37
C LYS A 212 -19.06 -13.46 45.47
N ALA A 213 -19.59 -14.59 45.94
CA ALA A 213 -18.78 -15.80 46.07
C ALA A 213 -18.21 -16.23 44.72
N TRP A 214 -19.03 -16.16 43.69
CA TRP A 214 -18.56 -16.51 42.35
C TRP A 214 -17.39 -15.59 41.93
N ALA A 215 -17.52 -14.30 42.24
CA ALA A 215 -16.48 -13.34 41.88
C ALA A 215 -15.20 -13.58 42.67
N VAL A 216 -15.33 -13.83 43.98
CA VAL A 216 -14.16 -14.05 44.82
C VAL A 216 -13.32 -15.19 44.24
N ALA A 217 -13.97 -16.32 44.00
CA ALA A 217 -13.30 -17.52 43.46
C ALA A 217 -12.69 -17.24 42.09
N ARG A 218 -13.47 -16.61 41.23
CA ARG A 218 -12.98 -16.32 39.90
C ARG A 218 -11.82 -15.32 39.84
N LEU A 219 -11.89 -14.24 40.64
CA LEU A 219 -10.83 -13.22 40.66
C LEU A 219 -9.59 -13.72 41.37
N SER A 220 -9.80 -14.63 42.31
CA SER A 220 -8.70 -15.21 43.07
C SER A 220 -7.90 -16.11 42.14
N GLN A 221 -8.59 -16.74 41.20
CA GLN A 221 -7.91 -17.60 40.24
C GLN A 221 -7.08 -16.73 39.30
N ARG A 222 -7.65 -15.60 38.93
CA ARG A 222 -7.04 -14.68 37.99
C ARG A 222 -5.90 -13.85 38.57
N PHE A 223 -6.15 -13.26 39.73
CA PHE A 223 -5.17 -12.44 40.43
C PHE A 223 -4.66 -13.14 41.68
N PRO A 224 -3.97 -14.27 41.47
CA PRO A 224 -3.42 -15.06 42.57
C PRO A 224 -2.44 -14.35 43.50
N LYS A 225 -1.77 -13.31 43.02
CA LYS A 225 -0.84 -12.59 43.86
C LYS A 225 -1.54 -11.49 44.68
N ALA A 226 -2.75 -11.11 44.29
CA ALA A 226 -3.48 -10.07 45.00
C ALA A 226 -3.90 -10.53 46.39
N GLU A 227 -3.94 -9.59 47.32
CA GLU A 227 -4.33 -9.89 48.70
C GLU A 227 -5.83 -10.02 48.83
N PHE A 228 -6.25 -10.87 49.76
CA PHE A 228 -7.67 -11.11 49.99
C PHE A 228 -8.43 -9.79 50.10
N ALA A 229 -7.89 -8.85 50.88
CA ALA A 229 -8.56 -7.58 51.06
C ALA A 229 -8.68 -6.83 49.75
N GLU A 230 -7.73 -7.07 48.84
CA GLU A 230 -7.76 -6.40 47.54
C GLU A 230 -8.89 -6.98 46.72
N VAL A 231 -8.89 -8.30 46.57
CA VAL A 231 -9.93 -9.01 45.82
C VAL A 231 -11.29 -8.58 46.34
N SER A 232 -11.45 -8.63 47.67
CA SER A 232 -12.69 -8.23 48.30
C SER A 232 -13.11 -6.86 47.80
N LYS A 233 -12.14 -5.96 47.70
CA LYS A 233 -12.42 -4.60 47.25
C LYS A 233 -12.92 -4.64 45.82
N LEU A 234 -12.19 -5.36 44.97
CA LEU A 234 -12.57 -5.48 43.57
C LEU A 234 -13.98 -6.08 43.45
N VAL A 235 -14.22 -7.15 44.21
CA VAL A 235 -15.52 -7.82 44.18
C VAL A 235 -16.68 -6.91 44.57
N THR A 236 -16.45 -6.06 45.56
CA THR A 236 -17.48 -5.15 46.03
C THR A 236 -17.83 -4.15 44.93
N ASP A 237 -16.83 -3.62 44.25
CA ASP A 237 -17.10 -2.65 43.19
C ASP A 237 -17.77 -3.34 42.02
N LEU A 238 -17.18 -4.46 41.62
CA LEU A 238 -17.69 -5.22 40.50
C LEU A 238 -19.14 -5.59 40.72
N THR A 239 -19.49 -5.89 41.97
CA THR A 239 -20.87 -6.25 42.27
C THR A 239 -21.81 -5.07 41.99
N LYS A 240 -21.48 -3.91 42.54
CA LYS A 240 -22.30 -2.72 42.33
C LYS A 240 -22.42 -2.42 40.84
N VAL A 241 -21.33 -2.64 40.10
CA VAL A 241 -21.37 -2.38 38.66
C VAL A 241 -22.48 -3.20 38.02
N HIS A 242 -22.39 -4.52 38.18
CA HIS A 242 -23.39 -5.39 37.59
C HIS A 242 -24.76 -5.20 38.19
N THR A 243 -24.80 -4.91 39.47
CA THR A 243 -26.08 -4.70 40.10
C THR A 243 -26.82 -3.60 39.36
N GLU A 244 -26.08 -2.60 38.91
CA GLU A 244 -26.67 -1.46 38.18
C GLU A 244 -27.02 -1.79 36.74
N CYS A 245 -26.08 -2.37 36.02
CA CYS A 245 -26.39 -2.70 34.65
C CYS A 245 -27.62 -3.60 34.56
N CYS A 246 -27.66 -4.64 35.41
CA CYS A 246 -28.78 -5.57 35.40
C CYS A 246 -30.09 -4.93 35.80
N HIS A 247 -30.04 -3.91 36.65
CA HIS A 247 -31.26 -3.25 37.08
C HIS A 247 -31.71 -2.10 36.17
N GLY A 248 -30.94 -1.87 35.11
CA GLY A 248 -31.29 -0.81 34.19
C GLY A 248 -30.63 0.54 34.43
N ASP A 249 -29.82 0.65 35.47
CA ASP A 249 -29.11 1.90 35.76
C ASP A 249 -27.85 1.92 34.87
N LEU A 250 -28.06 1.99 33.57
CA LEU A 250 -26.96 1.96 32.59
C LEU A 250 -25.91 3.05 32.69
N LEU A 251 -26.35 4.30 32.81
CA LEU A 251 -25.43 5.43 32.90
C LEU A 251 -24.47 5.27 34.06
N GLU A 252 -24.99 4.99 35.25
CA GLU A 252 -24.15 4.82 36.40
C GLU A 252 -23.31 3.56 36.27
N CYS A 253 -23.86 2.56 35.60
CA CYS A 253 -23.13 1.31 35.41
C CYS A 253 -21.86 1.57 34.62
N ALA A 254 -22.02 2.29 33.51
CA ALA A 254 -20.91 2.63 32.63
C ALA A 254 -19.90 3.49 33.37
N ASP A 255 -20.40 4.42 34.17
CA ASP A 255 -19.57 5.31 34.94
C ASP A 255 -18.73 4.51 35.92
N ASP A 256 -19.41 3.80 36.81
CA ASP A 256 -18.75 2.98 37.80
C ASP A 256 -17.75 2.02 37.18
N ARG A 257 -18.10 1.46 36.03
CA ARG A 257 -17.19 0.52 35.37
C ARG A 257 -15.88 1.21 34.97
N ALA A 258 -15.98 2.47 34.59
CA ALA A 258 -14.80 3.25 34.20
C ALA A 258 -13.90 3.39 35.42
N ASP A 259 -14.48 3.89 36.51
CA ASP A 259 -13.72 4.09 37.74
C ASP A 259 -12.94 2.84 38.09
N LEU A 260 -13.63 1.71 38.14
CA LEU A 260 -13.01 0.44 38.47
C LEU A 260 -11.84 0.13 37.55
N ALA A 261 -11.93 0.56 36.29
CA ALA A 261 -10.86 0.31 35.35
C ALA A 261 -9.68 1.22 35.70
N LYS A 262 -9.97 2.46 36.10
CA LYS A 262 -8.89 3.37 36.47
C LYS A 262 -8.16 2.78 37.68
N TYR A 263 -8.93 2.43 38.71
CA TYR A 263 -8.36 1.84 39.92
C TYR A 263 -7.44 0.68 39.56
N ILE A 264 -8.00 -0.37 39.00
CA ILE A 264 -7.21 -1.53 38.63
C ILE A 264 -5.88 -1.16 37.97
N CYS A 265 -5.91 -0.21 37.06
CA CYS A 265 -4.71 0.20 36.36
C CYS A 265 -3.69 0.90 37.27
N GLU A 266 -4.20 1.81 38.09
CA GLU A 266 -3.34 2.53 39.02
C GLU A 266 -2.62 1.55 39.95
N ASN A 267 -3.38 0.61 40.51
CA ASN A 267 -2.84 -0.36 41.44
C ASN A 267 -2.35 -1.66 40.81
N GLN A 268 -2.01 -1.64 39.53
CA GLN A 268 -1.53 -2.84 38.83
C GLN A 268 -0.67 -3.73 39.72
N ASP A 269 0.53 -3.24 40.04
CA ASP A 269 1.49 -3.94 40.85
C ASP A 269 0.90 -4.77 41.99
N SER A 270 -0.16 -4.26 42.61
CA SER A 270 -0.81 -4.95 43.72
C SER A 270 -1.84 -6.00 43.30
N ILE A 271 -2.10 -6.09 42.00
CA ILE A 271 -3.11 -7.01 41.48
C ILE A 271 -2.58 -8.12 40.56
N SER A 272 -2.08 -7.74 39.39
CA SER A 272 -1.56 -8.72 38.44
C SER A 272 -0.57 -8.09 37.49
N SER A 273 0.38 -8.89 37.02
CA SER A 273 1.41 -8.41 36.11
C SER A 273 1.05 -8.50 34.63
N LYS A 274 -0.13 -9.01 34.32
CA LYS A 274 -0.55 -9.12 32.92
C LYS A 274 -1.50 -7.99 32.53
N LEU A 275 -1.67 -7.03 33.42
CA LEU A 275 -2.55 -5.89 33.19
C LEU A 275 -1.85 -4.76 32.44
N LYS A 276 -0.57 -4.93 32.12
CA LYS A 276 0.19 -3.90 31.43
C LYS A 276 -0.43 -3.52 30.08
N GLU A 277 -0.39 -4.47 29.15
CA GLU A 277 -0.92 -4.29 27.80
C GLU A 277 -2.28 -3.62 27.82
N CYS A 278 -3.09 -3.97 28.81
CA CYS A 278 -4.43 -3.44 29.00
C CYS A 278 -4.54 -1.96 29.32
N CYS A 279 -3.77 -1.55 30.31
CA CYS A 279 -3.82 -0.18 30.75
C CYS A 279 -3.20 0.84 29.81
N GLU A 280 -2.65 0.36 28.70
CA GLU A 280 -2.02 1.22 27.72
C GLU A 280 -2.89 1.32 26.46
N LYS A 281 -4.16 1.66 26.65
CA LYS A 281 -5.09 1.79 25.53
C LYS A 281 -6.37 2.53 25.92
N PRO A 282 -7.20 2.89 24.92
CA PRO A 282 -8.47 3.61 25.12
C PRO A 282 -9.37 2.97 26.18
N LEU A 283 -10.15 3.82 26.85
CA LEU A 283 -11.08 3.36 27.90
C LEU A 283 -11.79 2.06 27.53
N LEU A 284 -12.70 2.16 26.57
CA LEU A 284 -13.47 1.00 26.14
C LEU A 284 -12.60 -0.24 25.91
N GLU A 285 -11.46 -0.07 25.25
CA GLU A 285 -10.57 -1.19 24.99
C GLU A 285 -9.81 -1.63 26.24
N LYS A 286 -9.70 -0.71 27.20
CA LYS A 286 -9.01 -1.01 28.45
C LYS A 286 -9.90 -1.94 29.29
N SER A 287 -11.15 -1.55 29.48
CA SER A 287 -12.12 -2.34 30.24
C SER A 287 -12.23 -3.76 29.66
N HIS A 288 -12.54 -3.82 28.37
CA HIS A 288 -12.68 -5.10 27.68
C HIS A 288 -11.44 -5.97 27.86
N CYS A 289 -10.26 -5.33 27.83
CA CYS A 289 -8.99 -6.03 27.98
C CYS A 289 -8.87 -6.66 29.36
N ILE A 290 -9.02 -5.83 30.38
CA ILE A 290 -8.93 -6.28 31.77
C ILE A 290 -9.84 -7.48 32.03
N ALA A 291 -11.11 -7.33 31.66
CA ALA A 291 -12.12 -8.36 31.86
C ALA A 291 -11.79 -9.68 31.19
N GLU A 292 -10.87 -9.67 30.23
CA GLU A 292 -10.52 -10.92 29.54
C GLU A 292 -9.05 -11.32 29.69
N VAL A 293 -8.35 -10.70 30.63
CA VAL A 293 -6.94 -11.02 30.86
C VAL A 293 -6.79 -12.44 31.38
N GLU A 294 -5.66 -13.06 31.08
CA GLU A 294 -5.40 -14.42 31.52
C GLU A 294 -4.94 -14.45 32.99
N ASN A 295 -5.04 -15.63 33.61
CA ASN A 295 -4.66 -15.79 35.01
C ASN A 295 -3.18 -15.53 35.21
N ASP A 296 -2.84 -14.82 36.29
CA ASP A 296 -1.45 -14.52 36.61
C ASP A 296 -0.74 -15.77 37.09
N GLU A 297 0.59 -15.72 37.09
CA GLU A 297 1.40 -16.86 37.53
C GLU A 297 1.22 -17.10 39.03
N MET A 298 1.03 -18.36 39.41
CA MET A 298 0.82 -18.74 40.81
C MET A 298 2.04 -18.48 41.73
N PRO A 299 1.85 -17.75 42.83
CA PRO A 299 2.90 -17.42 43.81
C PRO A 299 3.65 -18.69 44.20
N ALA A 300 4.98 -18.62 44.15
CA ALA A 300 5.85 -19.76 44.44
C ALA A 300 5.55 -20.57 45.70
N ASP A 301 6.05 -20.09 46.84
CA ASP A 301 5.87 -20.81 48.10
C ASP A 301 4.60 -20.53 48.88
N LEU A 302 3.58 -21.34 48.61
CA LEU A 302 2.31 -21.19 49.32
C LEU A 302 2.14 -22.33 50.30
N PRO A 303 1.90 -22.00 51.58
CA PRO A 303 1.71 -23.04 52.59
C PRO A 303 0.60 -24.00 52.21
N SER A 304 0.38 -25.02 53.03
CA SER A 304 -0.67 -25.99 52.76
C SER A 304 -1.95 -25.47 53.36
N LEU A 305 -3.07 -25.74 52.69
CA LEU A 305 -4.35 -25.28 53.17
C LEU A 305 -4.69 -25.96 54.49
N ALA A 306 -4.36 -27.24 54.59
CA ALA A 306 -4.65 -28.03 55.77
C ALA A 306 -4.18 -27.37 57.06
N ALA A 307 -3.13 -26.55 56.97
CA ALA A 307 -2.59 -25.88 58.15
C ALA A 307 -3.63 -25.03 58.88
N ASP A 308 -4.07 -23.95 58.23
CA ASP A 308 -5.04 -23.04 58.82
C ASP A 308 -6.51 -23.46 58.74
N PHE A 309 -6.86 -24.38 57.84
CA PHE A 309 -8.25 -24.76 57.71
C PHE A 309 -8.71 -26.11 58.24
N VAL A 310 -7.79 -27.03 58.55
CA VAL A 310 -8.24 -28.30 59.12
C VAL A 310 -7.44 -28.71 60.36
N GLU A 311 -6.13 -28.56 60.31
CA GLU A 311 -5.26 -28.93 61.43
C GLU A 311 -5.36 -27.96 62.60
N SER A 312 -5.44 -26.66 62.30
CA SER A 312 -5.55 -25.65 63.36
C SER A 312 -6.70 -26.01 64.32
N LYS A 313 -6.53 -25.70 65.60
CA LYS A 313 -7.55 -25.99 66.58
C LYS A 313 -8.41 -24.76 66.82
N ASP A 314 -8.12 -23.70 66.06
CA ASP A 314 -8.86 -22.45 66.16
C ASP A 314 -9.95 -22.31 65.12
N VAL A 315 -10.07 -23.30 64.25
CA VAL A 315 -11.06 -23.27 63.18
C VAL A 315 -12.44 -22.78 63.65
N CYS A 316 -13.14 -23.61 64.41
CA CYS A 316 -14.47 -23.25 64.89
C CYS A 316 -14.55 -21.87 65.55
N LYS A 317 -13.48 -21.45 66.23
CA LYS A 317 -13.50 -20.12 66.86
C LYS A 317 -13.55 -19.03 65.78
N ASN A 318 -12.65 -19.14 64.81
CA ASN A 318 -12.60 -18.16 63.73
C ASN A 318 -13.87 -18.20 62.90
N TYR A 319 -14.41 -19.41 62.74
CA TYR A 319 -15.63 -19.60 61.97
C TYR A 319 -16.76 -18.87 62.67
N ALA A 320 -16.86 -19.07 63.99
CA ALA A 320 -17.89 -18.46 64.81
C ALA A 320 -17.78 -16.94 64.79
N GLU A 321 -16.57 -16.43 64.99
CA GLU A 321 -16.32 -14.99 65.01
C GLU A 321 -16.82 -14.26 63.76
N ALA A 322 -16.39 -14.70 62.57
CA ALA A 322 -16.81 -14.07 61.33
C ALA A 322 -16.99 -15.09 60.21
N LYS A 323 -18.08 -15.84 60.26
CA LYS A 323 -18.37 -16.89 59.27
C LYS A 323 -18.15 -16.49 57.82
N ASP A 324 -18.54 -15.26 57.49
CA ASP A 324 -18.41 -14.74 56.12
C ASP A 324 -16.98 -14.50 55.70
N VAL A 325 -16.23 -13.82 56.55
CA VAL A 325 -14.83 -13.53 56.25
C VAL A 325 -14.02 -14.83 56.22
N PHE A 326 -14.28 -15.73 57.16
CA PHE A 326 -13.55 -16.97 57.20
C PHE A 326 -13.74 -17.85 55.96
N LEU A 327 -14.99 -18.05 55.56
CA LEU A 327 -15.31 -18.86 54.39
C LEU A 327 -14.85 -18.12 53.15
N GLY A 328 -14.85 -16.80 53.23
CA GLY A 328 -14.42 -16.01 52.10
C GLY A 328 -12.95 -16.25 51.92
N MET A 329 -12.23 -16.38 53.03
CA MET A 329 -10.80 -16.59 52.95
C MET A 329 -10.49 -17.98 52.47
N PHE A 330 -11.35 -18.92 52.81
CA PHE A 330 -11.16 -20.28 52.39
C PHE A 330 -11.23 -20.32 50.87
N LEU A 331 -12.27 -19.70 50.33
CA LEU A 331 -12.48 -19.71 48.89
C LEU A 331 -11.28 -19.10 48.15
N TYR A 332 -10.91 -17.89 48.57
CA TYR A 332 -9.76 -17.18 48.01
C TYR A 332 -8.52 -18.07 47.99
N GLU A 333 -8.22 -18.71 49.12
CA GLU A 333 -7.04 -19.55 49.24
C GLU A 333 -7.08 -20.83 48.43
N TYR A 334 -8.23 -21.46 48.34
CA TYR A 334 -8.32 -22.70 47.59
C TYR A 334 -8.40 -22.39 46.10
N ALA A 335 -9.00 -21.25 45.78
CA ALA A 335 -9.16 -20.81 44.40
C ALA A 335 -7.84 -20.40 43.79
N ARG A 336 -7.12 -19.51 44.48
CA ARG A 336 -5.85 -19.00 43.99
C ARG A 336 -4.88 -20.08 43.55
N ARG A 337 -4.84 -21.20 44.25
CA ARG A 337 -3.93 -22.26 43.85
C ARG A 337 -4.53 -23.35 42.96
N HIS A 338 -5.74 -23.09 42.46
CA HIS A 338 -6.37 -24.08 41.62
C HIS A 338 -7.03 -23.52 40.38
N PRO A 339 -6.23 -22.89 39.51
CA PRO A 339 -6.78 -22.31 38.28
C PRO A 339 -7.26 -23.43 37.38
N ASP A 340 -6.99 -24.66 37.79
CA ASP A 340 -7.37 -25.85 37.00
C ASP A 340 -8.75 -26.40 37.39
N TYR A 341 -9.36 -25.78 38.38
CA TYR A 341 -10.69 -26.17 38.84
C TYR A 341 -11.68 -25.13 38.28
N SER A 342 -12.95 -25.51 38.11
CA SER A 342 -13.93 -24.54 37.64
C SER A 342 -14.46 -23.76 38.85
N VAL A 343 -14.99 -22.57 38.59
CA VAL A 343 -15.56 -21.78 39.66
C VAL A 343 -16.67 -22.54 40.40
N VAL A 344 -17.50 -23.29 39.68
CA VAL A 344 -18.55 -24.03 40.36
C VAL A 344 -18.02 -25.15 41.22
N LEU A 345 -16.92 -25.79 40.83
CA LEU A 345 -16.36 -26.83 41.66
C LEU A 345 -15.85 -26.25 43.00
N LEU A 346 -15.17 -25.11 42.94
CA LEU A 346 -14.67 -24.43 44.13
C LEU A 346 -15.85 -24.05 45.04
N LEU A 347 -16.93 -23.54 44.46
CA LEU A 347 -18.09 -23.21 45.27
C LEU A 347 -18.71 -24.47 45.89
N ARG A 348 -18.72 -25.61 45.20
CA ARG A 348 -19.27 -26.81 45.82
C ARG A 348 -18.38 -27.18 46.98
N LEU A 349 -17.06 -27.08 46.79
CA LEU A 349 -16.13 -27.40 47.86
C LEU A 349 -16.40 -26.47 49.07
N ALA A 350 -16.45 -25.17 48.81
CA ALA A 350 -16.68 -24.21 49.88
C ALA A 350 -17.95 -24.59 50.63
N LYS A 351 -19.01 -24.93 49.89
CA LYS A 351 -20.26 -25.29 50.51
C LYS A 351 -20.15 -26.59 51.31
N THR A 352 -19.25 -27.47 50.90
CA THR A 352 -19.08 -28.73 51.61
C THR A 352 -18.30 -28.50 52.90
N TYR A 353 -17.38 -27.56 52.84
CA TYR A 353 -16.55 -27.21 53.99
C TYR A 353 -17.42 -26.54 55.06
N GLU A 354 -18.20 -25.55 54.65
CA GLU A 354 -19.09 -24.87 55.57
C GLU A 354 -20.06 -25.87 56.24
N THR A 355 -20.63 -26.77 55.46
CA THR A 355 -21.58 -27.75 56.01
C THR A 355 -20.89 -28.64 57.05
N THR A 356 -19.61 -28.88 56.85
CA THR A 356 -18.90 -29.71 57.80
C THR A 356 -18.61 -28.92 59.07
N LEU A 357 -18.29 -27.63 58.95
CA LEU A 357 -18.04 -26.87 60.16
C LEU A 357 -19.32 -26.68 60.96
N GLU A 358 -20.41 -26.29 60.31
CA GLU A 358 -21.67 -26.10 61.02
C GLU A 358 -22.04 -27.31 61.87
N LYS A 359 -21.77 -28.52 61.40
CA LYS A 359 -22.09 -29.73 62.16
C LYS A 359 -21.00 -30.09 63.16
N CYS A 360 -19.77 -30.16 62.67
CA CYS A 360 -18.64 -30.50 63.49
C CYS A 360 -18.41 -29.56 64.67
N CYS A 361 -18.52 -28.26 64.43
CA CYS A 361 -18.31 -27.28 65.49
C CYS A 361 -19.32 -27.38 66.60
N ALA A 362 -20.28 -28.28 66.42
CA ALA A 362 -21.31 -28.47 67.42
C ALA A 362 -21.12 -29.79 68.13
N ALA A 363 -19.99 -30.45 67.87
CA ALA A 363 -19.71 -31.74 68.49
C ALA A 363 -18.90 -31.55 69.78
N ALA A 364 -18.53 -32.67 70.40
CA ALA A 364 -17.75 -32.65 71.64
C ALA A 364 -16.31 -32.27 71.32
N ASP A 365 -15.73 -32.99 70.36
CA ASP A 365 -14.38 -32.74 69.91
C ASP A 365 -14.47 -32.35 68.43
N PRO A 366 -14.60 -31.03 68.15
CA PRO A 366 -14.68 -30.58 66.77
C PRO A 366 -13.54 -31.12 65.90
N HIS A 367 -12.30 -30.82 66.29
CA HIS A 367 -11.12 -31.26 65.55
C HIS A 367 -11.20 -32.65 64.93
N GLU A 368 -11.60 -33.64 65.72
CA GLU A 368 -11.72 -35.01 65.21
C GLU A 368 -12.74 -35.08 64.09
N CYS A 369 -13.89 -34.46 64.32
CA CYS A 369 -14.98 -34.46 63.35
C CYS A 369 -14.62 -33.83 62.01
N TYR A 370 -14.08 -32.62 62.00
CA TYR A 370 -13.74 -31.97 60.75
C TYR A 370 -12.33 -32.24 60.26
N ALA A 371 -11.69 -33.26 60.79
CA ALA A 371 -10.31 -33.59 60.41
C ALA A 371 -10.20 -34.24 59.03
N LYS A 372 -11.24 -34.91 58.57
CA LYS A 372 -11.18 -35.58 57.29
C LYS A 372 -12.00 -34.93 56.19
N VAL A 373 -12.20 -33.61 56.30
CA VAL A 373 -12.98 -32.88 55.32
C VAL A 373 -12.44 -32.97 53.89
N PHE A 374 -11.12 -33.07 53.73
CA PHE A 374 -10.55 -33.16 52.40
C PHE A 374 -10.86 -34.49 51.71
N ASP A 375 -11.24 -35.48 52.48
CA ASP A 375 -11.58 -36.78 51.91
C ASP A 375 -12.95 -36.61 51.25
N GLU A 376 -13.70 -35.64 51.74
CA GLU A 376 -15.02 -35.33 51.20
C GLU A 376 -14.88 -34.63 49.84
N PHE A 377 -13.76 -33.96 49.64
CA PHE A 377 -13.52 -33.25 48.39
C PHE A 377 -13.18 -34.16 47.22
N LYS A 378 -12.51 -35.27 47.52
CA LYS A 378 -12.10 -36.23 46.49
C LYS A 378 -13.22 -36.57 45.48
N PRO A 379 -14.35 -37.10 45.96
CA PRO A 379 -15.44 -37.44 45.04
C PRO A 379 -15.97 -36.27 44.20
N LEU A 380 -16.03 -35.07 44.78
CA LEU A 380 -16.54 -33.92 44.07
C LEU A 380 -15.65 -33.45 42.92
N VAL A 381 -14.35 -33.65 43.07
CA VAL A 381 -13.39 -33.22 42.05
C VAL A 381 -13.33 -34.23 40.91
N GLU A 382 -13.49 -35.50 41.26
CA GLU A 382 -13.46 -36.55 40.27
C GLU A 382 -14.69 -36.58 39.35
N GLU A 383 -15.87 -36.31 39.89
CA GLU A 383 -17.10 -36.34 39.10
C GLU A 383 -16.94 -35.51 37.82
N PRO A 384 -16.65 -34.21 37.96
CA PRO A 384 -16.46 -33.35 36.80
C PRO A 384 -15.41 -33.90 35.83
N GLN A 385 -14.26 -34.32 36.35
CA GLN A 385 -13.19 -34.82 35.50
C GLN A 385 -13.61 -36.01 34.65
N ASN A 386 -14.19 -37.02 35.29
CA ASN A 386 -14.63 -38.19 34.55
C ASN A 386 -15.69 -37.85 33.52
N LEU A 387 -16.62 -36.97 33.89
CA LEU A 387 -17.67 -36.58 32.96
C LEU A 387 -17.05 -35.97 31.71
N ILE A 388 -16.22 -34.94 31.90
CA ILE A 388 -15.52 -34.23 30.83
C ILE A 388 -14.69 -35.18 29.97
N LYS A 389 -13.87 -36.00 30.62
CA LYS A 389 -13.00 -36.96 29.95
C LYS A 389 -13.81 -37.82 28.98
N GLN A 390 -14.88 -38.43 29.50
CA GLN A 390 -15.74 -39.29 28.71
C GLN A 390 -16.32 -38.58 27.51
N ASN A 391 -17.05 -37.50 27.78
CA ASN A 391 -17.71 -36.75 26.73
C ASN A 391 -16.86 -36.08 25.69
N CYS A 392 -15.59 -35.80 26.01
CA CYS A 392 -14.72 -35.24 25.01
C CYS A 392 -14.28 -36.36 24.08
N GLU A 393 -14.04 -37.54 24.65
CA GLU A 393 -13.64 -38.69 23.86
C GLU A 393 -14.75 -38.97 22.88
N LEU A 394 -15.97 -38.99 23.41
CA LEU A 394 -17.13 -39.23 22.59
C LEU A 394 -17.26 -38.15 21.53
N PHE A 395 -16.98 -36.89 21.89
CA PHE A 395 -17.09 -35.78 20.95
C PHE A 395 -16.09 -35.94 19.81
N GLU A 396 -14.87 -36.32 20.15
CA GLU A 396 -13.81 -36.52 19.17
C GLU A 396 -14.23 -37.57 18.13
N GLN A 397 -15.03 -38.54 18.55
CA GLN A 397 -15.49 -39.61 17.66
C GLN A 397 -16.64 -39.24 16.73
N LEU A 398 -17.65 -38.55 17.25
CA LEU A 398 -18.79 -38.21 16.43
C LEU A 398 -18.74 -36.84 15.73
N GLY A 399 -17.87 -35.95 16.19
CA GLY A 399 -17.82 -34.63 15.57
C GLY A 399 -18.97 -33.80 16.10
N GLU A 400 -19.01 -32.53 15.74
CA GLU A 400 -20.06 -31.64 16.24
C GLU A 400 -21.51 -31.82 15.82
N TYR A 401 -21.76 -32.24 14.58
CA TYR A 401 -23.16 -32.40 14.16
C TYR A 401 -23.82 -33.59 14.84
N LYS A 402 -23.17 -34.75 14.80
CA LYS A 402 -23.76 -35.92 15.42
C LYS A 402 -23.76 -35.80 16.96
N PHE A 403 -22.81 -35.07 17.52
CA PHE A 403 -22.80 -34.90 18.98
C PHE A 403 -24.01 -34.08 19.38
N GLN A 404 -24.36 -33.07 18.58
CA GLN A 404 -25.54 -32.28 18.88
C GLN A 404 -26.77 -33.16 18.81
N ASN A 405 -26.78 -34.09 17.85
CA ASN A 405 -27.91 -34.99 17.68
C ASN A 405 -28.05 -35.88 18.91
N ALA A 406 -26.93 -36.41 19.39
CA ALA A 406 -26.98 -37.26 20.56
C ALA A 406 -27.53 -36.48 21.75
N LEU A 407 -27.19 -35.20 21.85
CA LEU A 407 -27.67 -34.35 22.95
C LEU A 407 -29.17 -34.07 22.83
N LEU A 408 -29.64 -33.89 21.59
CA LEU A 408 -31.05 -33.63 21.36
C LEU A 408 -31.88 -34.81 21.85
N VAL A 409 -31.43 -36.03 21.56
CA VAL A 409 -32.12 -37.24 22.02
C VAL A 409 -32.06 -37.34 23.55
N ARG A 410 -30.88 -37.06 24.11
CA ARG A 410 -30.66 -37.12 25.56
C ARG A 410 -31.55 -36.13 26.31
N TYR A 411 -31.53 -34.87 25.89
CA TYR A 411 -32.34 -33.88 26.56
C TYR A 411 -33.84 -33.95 26.29
N THR A 412 -34.24 -34.38 25.10
CA THR A 412 -35.68 -34.46 24.83
C THR A 412 -36.24 -35.57 25.72
N LYS A 413 -35.41 -36.58 26.02
CA LYS A 413 -35.86 -37.67 26.88
C LYS A 413 -35.91 -37.25 28.34
N LYS A 414 -35.00 -36.38 28.73
CA LYS A 414 -34.94 -35.89 30.10
C LYS A 414 -36.13 -35.03 30.42
N VAL A 415 -36.40 -34.06 29.55
CA VAL A 415 -37.49 -33.11 29.76
C VAL A 415 -38.30 -32.92 28.46
N PRO A 416 -39.12 -33.93 28.08
CA PRO A 416 -39.97 -33.97 26.88
C PRO A 416 -40.99 -32.84 26.72
N GLN A 417 -41.37 -32.20 27.82
CA GLN A 417 -42.35 -31.12 27.79
C GLN A 417 -41.85 -29.82 27.19
N VAL A 418 -40.56 -29.55 27.33
CA VAL A 418 -39.98 -28.31 26.83
C VAL A 418 -40.24 -28.13 25.33
N SER A 419 -40.54 -26.88 24.95
CA SER A 419 -40.84 -26.54 23.56
C SER A 419 -39.72 -26.92 22.61
N THR A 420 -40.08 -27.46 21.45
CA THR A 420 -39.09 -27.90 20.49
C THR A 420 -38.09 -26.83 20.07
N PRO A 421 -38.52 -25.57 19.98
CA PRO A 421 -37.52 -24.55 19.59
C PRO A 421 -36.43 -24.44 20.66
N THR A 422 -36.83 -24.40 21.93
CA THR A 422 -35.89 -24.29 23.03
C THR A 422 -34.92 -25.47 23.12
N LEU A 423 -35.43 -26.70 22.99
CA LEU A 423 -34.56 -27.86 23.04
C LEU A 423 -33.55 -27.78 21.93
N VAL A 424 -34.01 -27.50 20.70
CA VAL A 424 -33.11 -27.42 19.57
C VAL A 424 -32.01 -26.38 19.83
N GLU A 425 -32.41 -25.17 20.22
CA GLU A 425 -31.45 -24.11 20.50
C GLU A 425 -30.40 -24.51 21.59
N VAL A 426 -30.89 -24.94 22.76
CA VAL A 426 -30.04 -25.34 23.88
C VAL A 426 -29.11 -26.51 23.55
N SER A 427 -29.65 -27.55 22.93
CA SER A 427 -28.83 -28.70 22.61
C SER A 427 -27.73 -28.32 21.62
N ARG A 428 -28.04 -27.47 20.63
CA ARG A 428 -27.03 -27.07 19.67
C ARG A 428 -25.90 -26.40 20.40
N ASN A 429 -26.24 -25.44 21.25
CA ASN A 429 -25.24 -24.73 22.05
C ASN A 429 -24.46 -25.66 22.96
N LEU A 430 -25.15 -26.65 23.54
CA LEU A 430 -24.48 -27.61 24.42
C LEU A 430 -23.45 -28.36 23.59
N GLY A 431 -23.79 -28.61 22.33
CA GLY A 431 -22.87 -29.31 21.45
C GLY A 431 -21.63 -28.48 21.18
N LYS A 432 -21.78 -27.16 21.12
CA LYS A 432 -20.64 -26.29 20.87
C LYS A 432 -19.60 -26.33 22.00
N VAL A 433 -20.01 -26.75 23.19
CA VAL A 433 -19.08 -26.83 24.32
C VAL A 433 -17.96 -27.82 23.98
N GLY A 434 -18.30 -28.85 23.21
CA GLY A 434 -17.31 -29.85 22.86
C GLY A 434 -16.24 -29.29 21.94
N SER A 435 -16.65 -28.43 21.02
CA SER A 435 -15.73 -27.83 20.07
C SER A 435 -14.85 -26.79 20.74
N LYS A 436 -15.47 -25.94 21.55
CA LYS A 436 -14.74 -24.89 22.24
C LYS A 436 -13.82 -25.42 23.34
N CYS A 437 -14.21 -26.50 24.01
CA CYS A 437 -13.40 -26.97 25.12
C CYS A 437 -12.55 -28.20 25.00
N CYS A 438 -13.04 -29.23 24.34
CA CYS A 438 -12.26 -30.45 24.25
C CYS A 438 -10.85 -30.33 23.72
N LYS A 439 -10.63 -29.34 22.86
CA LYS A 439 -9.30 -29.13 22.27
C LYS A 439 -8.23 -28.74 23.29
N HIS A 440 -8.65 -28.26 24.45
CA HIS A 440 -7.68 -27.87 25.48
C HIS A 440 -7.15 -29.09 26.21
N PRO A 441 -5.95 -28.97 26.81
CA PRO A 441 -5.36 -30.09 27.54
C PRO A 441 -6.05 -30.20 28.92
N GLU A 442 -6.07 -31.40 29.49
CA GLU A 442 -6.71 -31.62 30.79
C GLU A 442 -6.68 -30.43 31.75
N ALA A 443 -5.53 -29.77 31.88
CA ALA A 443 -5.39 -28.62 32.77
C ALA A 443 -6.42 -27.49 32.62
N LYS A 444 -6.76 -27.10 31.39
CA LYS A 444 -7.73 -26.01 31.20
C LYS A 444 -9.16 -26.47 30.85
N ARG A 445 -9.38 -27.77 30.72
CA ARG A 445 -10.69 -28.28 30.34
C ARG A 445 -11.86 -27.99 31.27
N MET A 446 -11.67 -28.20 32.58
CA MET A 446 -12.75 -27.99 33.54
C MET A 446 -13.29 -26.57 33.58
N PRO A 447 -12.43 -25.58 33.77
CA PRO A 447 -12.98 -24.23 33.79
C PRO A 447 -13.80 -24.03 32.52
N CYS A 448 -13.18 -24.35 31.38
CA CYS A 448 -13.80 -24.19 30.08
C CYS A 448 -15.17 -24.86 29.99
N ALA A 449 -15.16 -26.18 30.17
CA ALA A 449 -16.37 -26.98 30.09
C ALA A 449 -17.46 -26.60 31.06
N GLU A 450 -17.13 -26.58 32.34
CA GLU A 450 -18.18 -26.31 33.29
C GLU A 450 -18.68 -24.89 33.36
N ASP A 451 -17.85 -23.89 33.09
CA ASP A 451 -18.41 -22.56 33.16
C ASP A 451 -19.26 -22.28 31.89
N TYR A 452 -18.98 -22.98 30.79
CA TYR A 452 -19.74 -22.83 29.55
C TYR A 452 -21.11 -23.53 29.69
N LEU A 453 -21.12 -24.68 30.36
CA LEU A 453 -22.36 -25.41 30.60
C LEU A 453 -23.27 -24.57 31.51
N SER A 454 -22.66 -23.80 32.41
CA SER A 454 -23.40 -22.92 33.30
C SER A 454 -24.19 -21.90 32.49
N VAL A 455 -23.51 -21.27 31.53
CA VAL A 455 -24.13 -20.25 30.70
C VAL A 455 -25.25 -20.84 29.85
N VAL A 456 -24.96 -21.94 29.17
CA VAL A 456 -26.00 -22.54 28.35
C VAL A 456 -27.21 -23.04 29.13
N LEU A 457 -27.01 -23.75 30.23
CA LEU A 457 -28.16 -24.25 31.00
C LEU A 457 -28.91 -23.07 31.64
N ASN A 458 -28.25 -21.93 31.78
CA ASN A 458 -28.94 -20.77 32.37
C ASN A 458 -29.89 -20.26 31.30
N GLN A 459 -29.48 -20.42 30.04
CA GLN A 459 -30.27 -20.02 28.89
C GLN A 459 -31.58 -20.84 28.92
N LEU A 460 -31.45 -22.16 29.09
CA LEU A 460 -32.60 -23.06 29.15
C LEU A 460 -33.50 -22.65 30.31
N CYS A 461 -32.89 -22.26 31.43
CA CYS A 461 -33.68 -21.86 32.59
C CYS A 461 -34.46 -20.57 32.41
N VAL A 462 -33.88 -19.55 31.77
CA VAL A 462 -34.62 -18.30 31.61
C VAL A 462 -35.68 -18.42 30.51
N LEU A 463 -35.39 -19.17 29.46
CA LEU A 463 -36.39 -19.33 28.41
C LEU A 463 -37.56 -20.13 28.94
N HIS A 464 -37.29 -21.11 29.80
CA HIS A 464 -38.32 -21.95 30.37
C HIS A 464 -39.12 -21.23 31.46
N GLU A 465 -38.49 -20.34 32.20
CA GLU A 465 -39.18 -19.61 33.27
C GLU A 465 -40.32 -18.75 32.73
N LYS A 466 -40.24 -18.41 31.46
CA LYS A 466 -41.26 -17.61 30.80
C LYS A 466 -42.59 -18.35 30.73
N THR A 467 -42.52 -19.65 30.45
CA THR A 467 -43.71 -20.47 30.33
C THR A 467 -43.38 -21.88 30.79
N PRO A 468 -43.41 -22.10 32.12
CA PRO A 468 -43.10 -23.37 32.78
C PRO A 468 -44.01 -24.54 32.46
N VAL A 469 -43.39 -25.61 31.95
CA VAL A 469 -44.09 -26.81 31.56
C VAL A 469 -43.50 -28.07 32.19
N SER A 470 -42.25 -27.98 32.66
CA SER A 470 -41.60 -29.13 33.26
C SER A 470 -41.14 -28.85 34.68
N ASP A 471 -41.71 -29.57 35.64
CA ASP A 471 -41.34 -29.42 37.04
C ASP A 471 -39.89 -29.81 37.23
N ARG A 472 -39.41 -30.75 36.39
CA ARG A 472 -38.03 -31.21 36.51
C ARG A 472 -37.05 -30.10 36.14
N VAL A 473 -37.42 -29.29 35.17
CA VAL A 473 -36.57 -28.18 34.76
C VAL A 473 -36.56 -27.13 35.87
N THR A 474 -37.73 -26.80 36.38
CA THR A 474 -37.86 -25.82 37.46
C THR A 474 -37.00 -26.18 38.68
N LYS A 475 -37.15 -27.41 39.15
CA LYS A 475 -36.37 -27.88 40.29
C LYS A 475 -34.87 -27.75 40.05
N CYS A 476 -34.39 -28.27 38.92
CA CYS A 476 -32.96 -28.18 38.63
C CYS A 476 -32.48 -26.72 38.45
N CYS A 477 -33.38 -25.84 38.08
CA CYS A 477 -32.99 -24.44 37.88
C CYS A 477 -33.03 -23.59 39.15
N THR A 478 -33.93 -23.91 40.09
CA THR A 478 -34.04 -23.08 41.29
C THR A 478 -33.46 -23.65 42.57
N GLU A 479 -33.22 -24.94 42.59
CA GLU A 479 -32.69 -25.56 43.78
C GLU A 479 -31.29 -25.09 44.14
N SER A 480 -30.43 -24.94 43.14
CA SER A 480 -29.06 -24.51 43.40
C SER A 480 -28.45 -23.93 42.13
N LEU A 481 -27.74 -22.81 42.27
CA LEU A 481 -27.10 -22.23 41.10
C LEU A 481 -25.89 -23.07 40.68
N VAL A 482 -25.06 -23.44 41.65
CA VAL A 482 -23.87 -24.20 41.34
C VAL A 482 -24.07 -25.67 40.99
N ASN A 483 -25.23 -26.25 41.32
CA ASN A 483 -25.46 -27.66 40.99
C ASN A 483 -26.38 -27.91 39.80
N ARG A 484 -26.57 -26.89 38.97
CA ARG A 484 -27.44 -27.04 37.83
C ARG A 484 -26.95 -28.09 36.87
N ARG A 485 -25.65 -28.06 36.61
CA ARG A 485 -25.08 -29.02 35.68
C ARG A 485 -25.23 -30.46 36.21
N PRO A 486 -24.85 -30.73 37.48
CA PRO A 486 -25.00 -32.09 38.00
C PRO A 486 -26.45 -32.55 38.05
N CYS A 487 -27.36 -31.62 38.35
CA CYS A 487 -28.79 -31.93 38.44
C CYS A 487 -29.29 -32.39 37.07
N PHE A 488 -29.04 -31.58 36.03
CA PHE A 488 -29.45 -31.94 34.68
C PHE A 488 -28.82 -33.24 34.19
N SER A 489 -27.56 -33.42 34.54
CA SER A 489 -26.79 -34.61 34.19
C SER A 489 -27.40 -35.85 34.82
N ALA A 490 -27.84 -35.73 36.06
CA ALA A 490 -28.41 -36.87 36.76
C ALA A 490 -29.77 -37.32 36.18
N LEU A 491 -30.49 -36.45 35.48
CA LEU A 491 -31.79 -36.88 34.92
C LEU A 491 -31.59 -37.90 33.80
N GLU A 492 -32.46 -38.91 33.75
CA GLU A 492 -32.38 -39.95 32.74
C GLU A 492 -33.55 -39.79 31.78
N VAL A 493 -34.69 -40.43 32.07
CA VAL A 493 -35.87 -40.23 31.23
C VAL A 493 -37.08 -39.96 32.10
N ASP A 494 -37.93 -39.03 31.67
CA ASP A 494 -39.13 -38.71 32.41
C ASP A 494 -40.12 -39.87 32.23
N GLU A 495 -40.20 -40.72 33.25
CA GLU A 495 -41.07 -41.89 33.23
C GLU A 495 -42.57 -41.58 33.28
N THR A 496 -42.95 -40.41 33.77
CA THR A 496 -44.37 -40.08 33.87
C THR A 496 -44.92 -39.47 32.58
N TYR A 497 -44.01 -39.09 31.69
CA TYR A 497 -44.40 -38.49 30.41
C TYR A 497 -45.31 -39.36 29.54
N VAL A 498 -46.35 -38.74 28.99
CA VAL A 498 -47.28 -39.44 28.10
C VAL A 498 -46.95 -39.06 26.67
N PRO A 499 -46.65 -40.05 25.82
CA PRO A 499 -46.32 -39.85 24.40
C PRO A 499 -47.29 -38.94 23.67
N LYS A 500 -46.79 -38.25 22.64
CA LYS A 500 -47.60 -37.35 21.84
C LYS A 500 -48.12 -38.08 20.61
N GLU A 501 -49.22 -37.59 20.06
CA GLU A 501 -49.81 -38.22 18.87
C GLU A 501 -49.35 -37.46 17.64
N PHE A 502 -48.94 -38.20 16.61
CA PHE A 502 -48.45 -37.62 15.35
C PHE A 502 -49.33 -36.53 14.72
N ASN A 503 -48.67 -35.60 14.04
CA ASN A 503 -49.34 -34.50 13.35
C ASN A 503 -48.75 -34.37 11.95
N ALA A 504 -49.61 -34.53 10.95
CA ALA A 504 -49.21 -34.45 9.55
C ALA A 504 -48.30 -33.25 9.26
N GLU A 505 -48.80 -32.06 9.57
CA GLU A 505 -48.07 -30.81 9.34
C GLU A 505 -46.67 -30.80 9.92
N THR A 506 -46.51 -31.37 11.12
CA THR A 506 -45.22 -31.41 11.80
C THR A 506 -44.14 -32.17 11.05
N PHE A 507 -44.52 -33.24 10.34
CA PHE A 507 -43.54 -34.03 9.61
C PHE A 507 -43.66 -33.94 8.08
N THR A 508 -44.18 -32.81 7.59
CA THR A 508 -44.32 -32.62 6.15
C THR A 508 -43.21 -31.71 5.63
N PHE A 509 -42.25 -32.32 4.93
CA PHE A 509 -41.12 -31.60 4.36
C PHE A 509 -41.44 -31.09 2.96
N HIS A 510 -41.31 -29.78 2.77
CA HIS A 510 -41.59 -29.15 1.48
C HIS A 510 -40.28 -28.83 0.74
N ALA A 511 -40.41 -28.18 -0.41
CA ALA A 511 -39.26 -27.81 -1.22
C ALA A 511 -38.59 -26.54 -0.68
N ASP A 512 -39.31 -25.79 0.15
CA ASP A 512 -38.78 -24.55 0.72
C ASP A 512 -37.56 -24.82 1.60
N ILE A 513 -37.31 -26.10 1.88
CA ILE A 513 -36.16 -26.50 2.70
C ILE A 513 -34.90 -26.55 1.85
N CYS A 514 -35.09 -26.43 0.55
CA CYS A 514 -33.99 -26.47 -0.41
C CYS A 514 -33.31 -25.10 -0.53
N THR A 515 -34.10 -24.05 -0.45
CA THR A 515 -33.57 -22.69 -0.52
C THR A 515 -32.79 -22.40 0.75
N LEU A 516 -33.23 -22.98 1.86
CA LEU A 516 -32.60 -22.79 3.16
C LEU A 516 -31.14 -23.20 3.15
N SER A 517 -30.32 -22.41 3.83
CA SER A 517 -28.90 -22.68 3.94
C SER A 517 -28.62 -24.10 4.42
N GLU A 518 -27.37 -24.53 4.25
CA GLU A 518 -26.94 -25.86 4.67
C GLU A 518 -27.27 -26.08 6.15
N LYS A 519 -27.03 -25.04 6.95
CA LYS A 519 -27.29 -25.11 8.38
C LYS A 519 -28.79 -25.13 8.66
N GLU A 520 -29.52 -24.26 7.96
CA GLU A 520 -30.97 -24.17 8.14
C GLU A 520 -31.63 -25.53 7.89
N ARG A 521 -30.90 -26.41 7.22
CA ARG A 521 -31.42 -27.74 6.92
C ARG A 521 -31.26 -28.63 8.16
N GLN A 522 -30.01 -28.77 8.62
CA GLN A 522 -29.72 -29.57 9.81
C GLN A 522 -30.72 -29.22 10.90
N ILE A 523 -30.88 -27.92 11.13
CA ILE A 523 -31.79 -27.43 12.13
C ILE A 523 -33.19 -27.99 11.91
N LYS A 524 -33.57 -28.20 10.65
CA LYS A 524 -34.88 -28.76 10.34
C LYS A 524 -34.87 -30.25 10.64
N LYS A 525 -33.82 -30.93 10.21
CA LYS A 525 -33.70 -32.35 10.46
C LYS A 525 -33.60 -32.57 11.98
N GLN A 526 -33.00 -31.60 12.67
CA GLN A 526 -32.86 -31.71 14.12
C GLN A 526 -34.20 -31.51 14.80
N THR A 527 -34.97 -30.55 14.28
CA THR A 527 -36.28 -30.28 14.83
C THR A 527 -37.19 -31.49 14.63
N ALA A 528 -36.95 -32.25 13.56
CA ALA A 528 -37.76 -33.42 13.28
C ALA A 528 -37.42 -34.51 14.28
N LEU A 529 -36.12 -34.66 14.55
CA LEU A 529 -35.66 -35.65 15.51
C LEU A 529 -36.33 -35.41 16.85
N VAL A 530 -36.34 -34.16 17.31
CA VAL A 530 -36.97 -33.85 18.59
C VAL A 530 -38.43 -34.26 18.62
N GLU A 531 -39.19 -33.93 17.57
CA GLU A 531 -40.61 -34.29 17.51
C GLU A 531 -40.76 -35.81 17.59
N LEU A 532 -39.86 -36.51 16.91
CA LEU A 532 -39.88 -37.97 16.88
C LEU A 532 -39.70 -38.55 18.28
N VAL A 533 -38.73 -38.02 19.03
CA VAL A 533 -38.46 -38.54 20.36
C VAL A 533 -39.62 -38.25 21.30
N LYS A 534 -40.28 -37.12 21.09
CA LYS A 534 -41.43 -36.76 21.91
C LYS A 534 -42.58 -37.73 21.62
N HIS A 535 -42.54 -38.32 20.43
CA HIS A 535 -43.57 -39.25 20.01
C HIS A 535 -43.23 -40.66 20.48
N LYS A 536 -41.94 -41.01 20.45
CA LYS A 536 -41.49 -42.33 20.88
C LYS A 536 -40.33 -42.20 21.87
N PRO A 537 -40.63 -41.77 23.10
CA PRO A 537 -39.60 -41.60 24.15
C PRO A 537 -38.77 -42.85 24.35
N LYS A 538 -39.47 -43.97 24.41
CA LYS A 538 -38.84 -45.26 24.65
C LYS A 538 -38.06 -45.81 23.45
N ALA A 539 -38.11 -45.12 22.31
CA ALA A 539 -37.38 -45.59 21.13
C ALA A 539 -35.90 -45.67 21.47
N THR A 540 -35.12 -46.30 20.60
CA THR A 540 -33.69 -46.47 20.84
C THR A 540 -32.85 -45.71 19.83
N LYS A 541 -31.63 -45.35 20.26
CA LYS A 541 -30.68 -44.62 19.43
C LYS A 541 -30.40 -45.37 18.13
N GLU A 542 -30.74 -46.65 18.13
CA GLU A 542 -30.54 -47.48 16.95
C GLU A 542 -31.57 -47.08 15.89
N GLN A 543 -32.84 -47.15 16.26
CA GLN A 543 -33.93 -46.81 15.36
C GLN A 543 -33.79 -45.38 14.84
N LEU A 544 -33.63 -44.45 15.79
CA LEU A 544 -33.50 -43.03 15.48
C LEU A 544 -32.53 -42.72 14.35
N LYS A 545 -31.32 -43.27 14.45
CA LYS A 545 -30.30 -43.05 13.43
C LYS A 545 -30.79 -43.61 12.10
N ALA A 546 -31.31 -44.83 12.13
CA ALA A 546 -31.81 -45.51 10.93
C ALA A 546 -32.92 -44.71 10.25
N VAL A 547 -33.59 -43.86 11.02
CA VAL A 547 -34.68 -43.04 10.50
C VAL A 547 -34.18 -41.69 10.01
N MET A 548 -33.24 -41.11 10.75
CA MET A 548 -32.69 -39.82 10.38
C MET A 548 -32.13 -39.90 8.97
N ASP A 549 -31.29 -40.90 8.72
CA ASP A 549 -30.68 -41.11 7.42
C ASP A 549 -31.73 -41.00 6.32
N ASP A 550 -32.92 -41.51 6.60
CA ASP A 550 -33.99 -41.45 5.61
C ASP A 550 -34.34 -40.02 5.26
N PHE A 551 -34.57 -39.21 6.28
CA PHE A 551 -34.92 -37.80 6.09
C PHE A 551 -33.91 -37.15 5.15
N ALA A 552 -32.64 -37.51 5.29
CA ALA A 552 -31.60 -36.97 4.45
C ALA A 552 -31.97 -37.24 2.99
N ALA A 553 -32.38 -38.48 2.74
CA ALA A 553 -32.78 -38.92 1.41
C ALA A 553 -33.96 -38.11 0.88
N PHE A 554 -34.94 -37.87 1.73
CA PHE A 554 -36.12 -37.11 1.33
C PHE A 554 -35.81 -35.70 0.86
N VAL A 555 -34.70 -35.13 1.31
CA VAL A 555 -34.32 -33.78 0.91
C VAL A 555 -33.63 -33.75 -0.43
N GLU A 556 -32.60 -34.58 -0.57
CA GLU A 556 -31.83 -34.65 -1.80
C GLU A 556 -32.65 -34.90 -3.07
N LYS A 557 -33.65 -35.77 -2.98
CA LYS A 557 -34.46 -36.07 -4.15
C LYS A 557 -35.43 -34.95 -4.54
N CYS A 558 -36.39 -34.68 -3.67
CA CYS A 558 -37.38 -33.63 -3.91
C CYS A 558 -36.73 -32.32 -4.37
N CYS A 559 -35.73 -31.87 -3.61
CA CYS A 559 -35.00 -30.64 -3.89
C CYS A 559 -34.37 -30.63 -5.29
N LYS A 560 -34.20 -31.81 -5.89
CA LYS A 560 -33.63 -31.92 -7.22
C LYS A 560 -34.35 -32.97 -8.08
N ALA A 561 -35.60 -32.69 -8.43
CA ALA A 561 -36.41 -33.60 -9.24
C ALA A 561 -37.53 -32.88 -9.99
N ASP A 562 -37.18 -32.22 -11.08
CA ASP A 562 -38.13 -31.48 -11.90
C ASP A 562 -38.99 -30.51 -11.10
N ASP A 563 -39.96 -29.90 -11.77
CA ASP A 563 -40.85 -28.94 -11.12
C ASP A 563 -41.74 -29.66 -10.10
N LYS A 564 -41.20 -29.92 -8.91
CA LYS A 564 -41.97 -30.59 -7.87
C LYS A 564 -42.03 -29.91 -6.52
N GLU A 565 -43.19 -29.33 -6.23
CA GLU A 565 -43.44 -28.68 -4.96
C GLU A 565 -44.41 -29.63 -4.31
N THR A 566 -44.76 -30.66 -5.09
CA THR A 566 -45.68 -31.69 -4.67
C THR A 566 -44.93 -32.93 -4.24
N CYS A 567 -43.67 -33.05 -4.68
CA CYS A 567 -42.88 -34.21 -4.25
C CYS A 567 -42.86 -34.17 -2.73
N PHE A 568 -43.01 -32.96 -2.20
CA PHE A 568 -43.03 -32.71 -0.77
C PHE A 568 -44.20 -33.44 -0.12
N ALA A 569 -45.27 -33.65 -0.88
CA ALA A 569 -46.45 -34.35 -0.40
C ALA A 569 -46.37 -35.82 -0.78
N GLU A 570 -45.94 -36.09 -2.01
CA GLU A 570 -45.84 -37.46 -2.51
C GLU A 570 -44.73 -38.22 -1.78
N GLU A 571 -43.51 -37.72 -1.90
CA GLU A 571 -42.35 -38.36 -1.28
C GLU A 571 -42.42 -38.20 0.23
N GLY A 572 -43.15 -37.19 0.70
CA GLY A 572 -43.30 -36.98 2.13
C GLY A 572 -44.23 -38.06 2.66
N LYS A 573 -45.10 -38.55 1.78
CA LYS A 573 -46.04 -39.60 2.14
C LYS A 573 -45.28 -40.90 2.37
N LYS A 574 -44.38 -41.22 1.45
CA LYS A 574 -43.56 -42.41 1.56
C LYS A 574 -42.69 -42.28 2.79
N LEU A 575 -42.45 -41.02 3.17
CA LEU A 575 -41.63 -40.71 4.34
C LEU A 575 -42.37 -41.07 5.63
N VAL A 576 -43.50 -40.42 5.86
CA VAL A 576 -44.30 -40.68 7.06
C VAL A 576 -44.71 -42.15 7.15
N ALA A 577 -44.98 -42.75 6.00
CA ALA A 577 -45.39 -44.15 5.93
C ALA A 577 -44.31 -45.04 6.55
N ALA A 578 -43.07 -44.90 6.06
CA ALA A 578 -41.95 -45.68 6.56
C ALA A 578 -41.58 -45.20 7.96
N SER A 579 -41.92 -43.94 8.24
CA SER A 579 -41.64 -43.34 9.54
C SER A 579 -42.55 -43.91 10.60
N GLN A 580 -43.82 -44.10 10.26
CA GLN A 580 -44.79 -44.65 11.19
C GLN A 580 -44.53 -46.14 11.43
N ALA A 581 -43.76 -46.74 10.54
CA ALA A 581 -43.42 -48.16 10.63
C ALA A 581 -42.39 -48.45 11.71
N ALA A 582 -41.22 -47.86 11.59
CA ALA A 582 -40.15 -48.06 12.57
C ALA A 582 -40.61 -47.72 13.98
N SER B 5 2.28 0.82 -5.85
CA SER B 5 3.76 0.73 -5.92
C SER B 5 4.26 0.87 -7.36
N GLU B 6 4.84 2.02 -7.65
CA GLU B 6 5.37 2.30 -8.99
C GLU B 6 6.55 1.40 -9.32
N VAL B 7 7.36 1.09 -8.32
CA VAL B 7 8.51 0.22 -8.52
C VAL B 7 8.09 -1.06 -9.22
N ALA B 8 6.93 -1.57 -8.80
CA ALA B 8 6.38 -2.80 -9.37
C ALA B 8 6.06 -2.58 -10.84
N HIS B 9 5.24 -1.57 -11.11
CA HIS B 9 4.84 -1.22 -12.47
C HIS B 9 6.05 -1.21 -13.38
N ARG B 10 7.14 -0.61 -12.90
CA ARG B 10 8.37 -0.50 -13.66
C ARG B 10 9.12 -1.83 -13.79
N PHE B 11 9.20 -2.58 -12.69
CA PHE B 11 9.90 -3.86 -12.71
C PHE B 11 9.23 -4.83 -13.69
N LYS B 12 7.90 -4.80 -13.69
CA LYS B 12 7.10 -5.67 -14.55
C LYS B 12 7.25 -5.37 -16.04
N ASP B 13 6.92 -4.13 -16.42
CA ASP B 13 6.99 -3.71 -17.81
C ASP B 13 8.37 -3.85 -18.43
N LEU B 14 9.39 -3.50 -17.66
CA LEU B 14 10.75 -3.57 -18.18
C LEU B 14 11.40 -4.95 -18.12
N GLY B 15 11.24 -5.66 -17.01
CA GLY B 15 11.87 -6.96 -16.88
C GLY B 15 13.11 -6.80 -16.02
N GLU B 16 13.49 -7.85 -15.31
CA GLU B 16 14.64 -7.81 -14.41
C GLU B 16 15.94 -7.24 -15.01
N GLU B 17 16.33 -7.74 -16.19
CA GLU B 17 17.55 -7.25 -16.82
C GLU B 17 17.52 -5.74 -17.08
N ASN B 18 16.70 -5.33 -18.05
CA ASN B 18 16.59 -3.90 -18.40
C ASN B 18 16.41 -3.05 -17.15
N PHE B 19 15.71 -3.58 -16.15
CA PHE B 19 15.49 -2.85 -14.90
C PHE B 19 16.81 -2.61 -14.15
N LYS B 20 17.62 -3.67 -14.04
CA LYS B 20 18.89 -3.57 -13.34
C LYS B 20 19.83 -2.59 -14.04
N ALA B 21 19.84 -2.64 -15.37
CA ALA B 21 20.69 -1.78 -16.19
C ALA B 21 20.30 -0.31 -16.06
N LEU B 22 19.01 -0.01 -16.21
CA LEU B 22 18.55 1.36 -16.10
C LEU B 22 18.88 1.96 -14.74
N VAL B 23 18.54 1.25 -13.67
CA VAL B 23 18.84 1.78 -12.34
C VAL B 23 20.33 2.04 -12.15
N LEU B 24 21.16 1.18 -12.75
CA LEU B 24 22.59 1.35 -12.62
C LEU B 24 23.03 2.65 -13.31
N ILE B 25 22.49 2.88 -14.49
CA ILE B 25 22.80 4.06 -15.30
C ILE B 25 22.39 5.30 -14.54
N ALA B 26 21.25 5.24 -13.87
CA ALA B 26 20.77 6.40 -13.14
C ALA B 26 21.79 6.80 -12.07
N PHE B 27 22.15 5.84 -11.24
CA PHE B 27 23.09 6.08 -10.16
C PHE B 27 24.43 6.59 -10.63
N ALA B 28 24.94 6.01 -11.71
CA ALA B 28 26.22 6.43 -12.23
C ALA B 28 26.16 7.86 -12.78
N GLN B 29 24.98 8.29 -13.20
CA GLN B 29 24.80 9.64 -13.73
C GLN B 29 24.61 10.66 -12.63
N TYR B 30 24.06 10.20 -11.50
CA TYR B 30 23.83 11.08 -10.36
C TYR B 30 25.09 11.25 -9.51
N LEU B 31 25.85 10.18 -9.34
CA LEU B 31 27.09 10.24 -8.57
C LEU B 31 28.22 9.68 -9.41
N GLN B 32 28.66 10.49 -10.37
CA GLN B 32 29.71 10.14 -11.31
C GLN B 32 31.08 9.80 -10.71
N GLN B 33 31.36 10.33 -9.52
CA GLN B 33 32.66 10.10 -8.89
C GLN B 33 32.77 8.86 -7.98
N CYS B 34 31.65 8.23 -7.63
CA CYS B 34 31.67 7.05 -6.78
C CYS B 34 32.14 5.79 -7.52
N PRO B 35 32.63 4.77 -6.77
CA PRO B 35 33.14 3.52 -7.33
C PRO B 35 32.08 2.56 -7.89
N PHE B 36 32.53 1.73 -8.82
CA PHE B 36 31.66 0.74 -9.46
C PHE B 36 31.13 -0.26 -8.41
N GLU B 37 32.02 -0.74 -7.56
CA GLU B 37 31.63 -1.68 -6.51
C GLU B 37 30.47 -1.11 -5.68
N ASP B 38 30.60 0.14 -5.26
CA ASP B 38 29.57 0.82 -4.46
C ASP B 38 28.24 1.06 -5.18
N HIS B 39 28.28 1.12 -6.51
CA HIS B 39 27.06 1.35 -7.28
C HIS B 39 26.28 0.05 -7.48
N VAL B 40 26.99 -1.00 -7.88
CA VAL B 40 26.35 -2.29 -8.10
C VAL B 40 25.62 -2.73 -6.85
N LYS B 41 26.29 -2.56 -5.70
CA LYS B 41 25.70 -2.96 -4.43
C LYS B 41 24.37 -2.23 -4.18
N LEU B 42 24.34 -0.94 -4.47
CA LEU B 42 23.12 -0.16 -4.29
C LEU B 42 22.06 -0.57 -5.29
N VAL B 43 22.49 -1.01 -6.47
CA VAL B 43 21.56 -1.44 -7.51
C VAL B 43 20.85 -2.72 -7.10
N ASN B 44 21.63 -3.74 -6.73
CA ASN B 44 21.08 -5.02 -6.31
C ASN B 44 20.15 -4.91 -5.12
N GLU B 45 20.51 -4.09 -4.13
CA GLU B 45 19.63 -3.91 -2.99
C GLU B 45 18.30 -3.42 -3.56
N VAL B 46 18.37 -2.38 -4.39
CA VAL B 46 17.17 -1.82 -5.00
C VAL B 46 16.34 -2.92 -5.66
N THR B 47 16.99 -3.78 -6.43
CA THR B 47 16.30 -4.87 -7.12
C THR B 47 15.70 -5.86 -6.12
N GLU B 48 16.44 -6.18 -5.07
CA GLU B 48 15.94 -7.11 -4.06
C GLU B 48 14.70 -6.49 -3.41
N PHE B 49 14.66 -5.16 -3.40
CA PHE B 49 13.53 -4.43 -2.82
C PHE B 49 12.39 -4.37 -3.83
N ALA B 50 12.75 -4.37 -5.11
CA ALA B 50 11.76 -4.30 -6.17
C ALA B 50 10.87 -5.53 -6.18
N LYS B 51 11.48 -6.71 -6.05
CA LYS B 51 10.75 -7.97 -6.05
C LYS B 51 9.75 -8.09 -4.90
N THR B 52 10.18 -7.70 -3.70
CA THR B 52 9.33 -7.74 -2.52
C THR B 52 8.14 -6.79 -2.65
N CYS B 53 8.10 -6.05 -3.75
CA CYS B 53 7.02 -5.10 -4.00
C CYS B 53 6.13 -5.61 -5.14
N VAL B 54 6.75 -6.24 -6.13
CA VAL B 54 6.03 -6.76 -7.30
C VAL B 54 4.71 -7.44 -6.97
N ALA B 55 4.78 -8.74 -6.66
CA ALA B 55 3.58 -9.49 -6.32
C ALA B 55 3.12 -9.10 -4.92
N ASP B 56 4.07 -8.98 -4.01
CA ASP B 56 3.77 -8.61 -2.63
C ASP B 56 3.49 -7.11 -2.57
N GLU B 57 2.23 -6.74 -2.77
CA GLU B 57 1.81 -5.34 -2.75
C GLU B 57 2.19 -4.64 -1.45
N SER B 58 1.47 -3.57 -1.14
CA SER B 58 1.69 -2.75 0.05
C SER B 58 2.59 -3.42 1.09
N ALA B 59 3.90 -3.20 0.95
CA ALA B 59 4.86 -3.76 1.86
C ALA B 59 5.49 -2.65 2.70
N GLU B 60 6.78 -2.75 2.94
CA GLU B 60 7.49 -1.74 3.74
C GLU B 60 7.31 -0.32 3.19
N ASN B 61 8.01 0.00 2.11
CA ASN B 61 7.92 1.33 1.51
C ASN B 61 7.54 1.25 0.03
N CYS B 62 6.88 0.18 -0.36
CA CYS B 62 6.48 0.00 -1.75
C CYS B 62 5.49 1.09 -2.18
N ASP B 63 5.13 1.97 -1.25
CA ASP B 63 4.20 3.06 -1.55
C ASP B 63 4.95 4.30 -2.00
N LYS B 64 6.20 4.44 -1.55
CA LYS B 64 7.03 5.59 -1.89
C LYS B 64 7.22 5.77 -3.40
N SER B 65 7.81 6.90 -3.78
CA SER B 65 8.07 7.23 -5.18
C SER B 65 9.49 6.89 -5.54
N LEU B 66 9.74 6.72 -6.84
CA LEU B 66 11.08 6.41 -7.32
C LEU B 66 12.10 7.40 -6.77
N HIS B 67 11.85 8.69 -6.96
CA HIS B 67 12.78 9.72 -6.49
C HIS B 67 13.17 9.53 -5.02
N THR B 68 12.16 9.33 -4.17
CA THR B 68 12.40 9.13 -2.76
C THR B 68 13.32 7.93 -2.55
N LEU B 69 12.86 6.76 -3.01
CA LEU B 69 13.64 5.53 -2.88
C LEU B 69 15.06 5.70 -3.37
N PHE B 70 15.20 6.08 -4.64
CA PHE B 70 16.51 6.26 -5.25
C PHE B 70 17.30 7.32 -4.51
N GLY B 71 16.60 8.28 -3.94
CA GLY B 71 17.26 9.36 -3.21
C GLY B 71 17.92 8.92 -1.92
N ASP B 72 17.20 8.14 -1.13
CA ASP B 72 17.70 7.66 0.15
C ASP B 72 18.87 6.69 -0.01
N LYS B 73 18.80 5.83 -1.02
CA LYS B 73 19.86 4.87 -1.26
C LYS B 73 21.19 5.54 -1.54
N LEU B 74 21.18 6.50 -2.46
CA LEU B 74 22.39 7.23 -2.82
C LEU B 74 22.96 7.97 -1.61
N CYS B 75 22.07 8.57 -0.81
CA CYS B 75 22.46 9.31 0.37
C CYS B 75 23.14 8.48 1.45
N THR B 76 23.41 7.22 1.17
CA THR B 76 24.07 6.34 2.12
C THR B 76 25.58 6.39 1.87
N ASP B 89 25.07 18.38 0.83
CA ASP B 89 24.12 19.46 0.57
C ASP B 89 22.79 18.88 0.09
N CYS B 90 22.85 18.18 -1.04
CA CYS B 90 21.67 17.57 -1.65
C CYS B 90 20.84 16.71 -0.74
N CYS B 91 21.48 15.80 -0.02
CA CYS B 91 20.77 14.91 0.88
C CYS B 91 20.12 15.63 2.05
N ALA B 92 20.76 16.68 2.53
CA ALA B 92 20.23 17.45 3.64
C ALA B 92 18.83 18.00 3.28
N LYS B 93 18.48 17.92 2.00
CA LYS B 93 17.20 18.41 1.52
C LYS B 93 16.22 17.26 1.33
N GLN B 94 14.98 17.59 0.99
CA GLN B 94 13.94 16.60 0.77
C GLN B 94 13.32 16.82 -0.60
N GLU B 95 12.83 15.75 -1.22
CA GLU B 95 12.22 15.84 -2.54
C GLU B 95 11.13 16.91 -2.60
N PRO B 96 11.03 17.64 -3.72
CA PRO B 96 11.85 17.51 -4.93
C PRO B 96 13.16 18.29 -4.83
N GLU B 97 13.32 19.06 -3.77
CA GLU B 97 14.53 19.84 -3.56
C GLU B 97 15.74 18.91 -3.63
N ARG B 98 15.67 17.79 -2.91
CA ARG B 98 16.74 16.81 -2.90
C ARG B 98 17.08 16.34 -4.31
N ASN B 99 16.06 15.91 -5.06
CA ASN B 99 16.24 15.43 -6.43
C ASN B 99 16.92 16.43 -7.38
N GLU B 100 16.21 17.49 -7.75
CA GLU B 100 16.78 18.46 -8.66
C GLU B 100 18.10 19.00 -8.16
N CYS B 101 18.40 18.73 -6.90
CA CYS B 101 19.65 19.15 -6.35
C CYS B 101 20.69 18.30 -7.08
N PHE B 102 20.45 17.00 -7.17
CA PHE B 102 21.37 16.09 -7.87
C PHE B 102 21.48 16.46 -9.35
N LEU B 103 20.33 16.68 -9.99
CA LEU B 103 20.27 17.03 -11.42
C LEU B 103 21.12 18.23 -11.78
N GLN B 104 20.98 19.31 -11.00
CA GLN B 104 21.75 20.53 -11.23
C GLN B 104 23.20 20.35 -10.81
N HIS B 105 23.57 19.12 -10.42
CA HIS B 105 24.94 18.84 -10.00
C HIS B 105 25.67 17.98 -11.02
N LYS B 106 24.96 17.53 -12.06
CA LYS B 106 25.60 16.70 -13.08
C LYS B 106 26.74 17.47 -13.70
N ASP B 107 27.83 16.78 -13.98
CA ASP B 107 28.99 17.41 -14.57
C ASP B 107 29.13 16.90 -16.01
N ASP B 108 29.20 17.82 -16.98
CA ASP B 108 29.34 17.48 -18.39
C ASP B 108 30.79 17.18 -18.75
N ASN B 109 31.73 17.69 -17.97
CA ASN B 109 33.15 17.48 -18.24
C ASN B 109 33.86 17.01 -16.98
N PRO B 110 33.54 15.80 -16.50
CA PRO B 110 34.16 15.25 -15.29
C PRO B 110 35.65 14.93 -15.40
N ASN B 111 36.36 15.11 -14.30
CA ASN B 111 37.80 14.85 -14.25
C ASN B 111 38.07 13.40 -13.88
N LEU B 112 37.79 12.48 -14.80
CA LEU B 112 38.04 11.07 -14.56
C LEU B 112 39.19 10.62 -15.45
N PRO B 113 39.88 9.53 -15.07
CA PRO B 113 41.00 9.00 -15.84
C PRO B 113 40.53 8.62 -17.23
N ARG B 114 41.25 9.03 -18.26
CA ARG B 114 40.87 8.67 -19.63
C ARG B 114 40.72 7.14 -19.68
N LEU B 115 39.84 6.66 -20.56
CA LEU B 115 39.59 5.23 -20.69
C LEU B 115 40.52 4.57 -21.71
N VAL B 116 41.46 3.76 -21.21
CA VAL B 116 42.42 3.06 -22.08
C VAL B 116 41.95 1.63 -22.35
N ARG B 117 41.98 1.24 -23.62
CA ARG B 117 41.55 -0.10 -24.02
C ARG B 117 42.72 -1.07 -24.03
N PRO B 118 42.81 -1.93 -23.00
CA PRO B 118 43.91 -2.91 -22.91
C PRO B 118 44.01 -3.81 -24.13
N GLU B 119 44.89 -4.80 -24.08
CA GLU B 119 45.09 -5.71 -25.20
C GLU B 119 43.87 -6.58 -25.44
N VAL B 120 43.65 -6.95 -26.69
CA VAL B 120 42.51 -7.79 -27.07
C VAL B 120 42.38 -9.02 -26.19
N ASP B 121 43.52 -9.54 -25.74
CA ASP B 121 43.54 -10.73 -24.89
C ASP B 121 43.01 -10.41 -23.49
N VAL B 122 43.52 -9.34 -22.88
CA VAL B 122 43.09 -8.92 -21.56
C VAL B 122 41.56 -8.84 -21.49
N MET B 123 40.98 -8.10 -22.44
CA MET B 123 39.53 -7.90 -22.53
C MET B 123 38.76 -9.22 -22.65
N CYS B 124 39.11 -10.00 -23.66
CA CYS B 124 38.45 -11.28 -23.89
C CYS B 124 38.48 -12.15 -22.64
N THR B 125 39.62 -12.16 -21.95
CA THR B 125 39.75 -12.95 -20.73
C THR B 125 38.76 -12.44 -19.68
N ALA B 126 38.73 -11.12 -19.49
CA ALA B 126 37.84 -10.49 -18.53
C ALA B 126 36.39 -10.72 -18.95
N PHE B 127 36.15 -10.75 -20.25
CA PHE B 127 34.80 -10.96 -20.74
C PHE B 127 34.34 -12.38 -20.42
N HIS B 128 35.26 -13.35 -20.50
CA HIS B 128 34.94 -14.74 -20.24
C HIS B 128 34.85 -15.11 -18.76
N ASP B 129 35.74 -14.54 -17.95
CA ASP B 129 35.73 -14.82 -16.52
C ASP B 129 34.40 -14.40 -15.91
N ASN B 130 34.01 -13.15 -16.13
CA ASN B 130 32.75 -12.63 -15.60
C ASN B 130 32.18 -11.61 -16.57
N GLU B 131 31.44 -12.09 -17.57
CA GLU B 131 30.86 -11.19 -18.57
C GLU B 131 29.67 -10.43 -18.03
N GLU B 132 29.16 -10.85 -16.88
CA GLU B 132 28.01 -10.20 -16.26
C GLU B 132 28.49 -8.85 -15.72
N THR B 133 29.63 -8.87 -15.05
CA THR B 133 30.20 -7.67 -14.49
C THR B 133 30.95 -6.87 -15.57
N PHE B 134 31.28 -7.57 -16.66
CA PHE B 134 31.99 -6.96 -17.78
C PHE B 134 31.10 -5.92 -18.44
N LEU B 135 29.85 -6.29 -18.72
CA LEU B 135 28.90 -5.40 -19.34
C LEU B 135 28.42 -4.33 -18.36
N LYS B 136 28.21 -4.73 -17.11
CA LYS B 136 27.78 -3.77 -16.09
C LYS B 136 28.84 -2.67 -16.01
N LYS B 137 30.10 -3.05 -16.14
CA LYS B 137 31.20 -2.09 -16.07
C LYS B 137 31.13 -1.14 -17.28
N TYR B 138 30.73 -1.67 -18.43
CA TYR B 138 30.62 -0.86 -19.63
C TYR B 138 29.63 0.27 -19.36
N LEU B 139 28.41 -0.08 -19.00
CA LEU B 139 27.38 0.91 -18.71
C LEU B 139 27.81 1.94 -17.66
N TYR B 140 28.38 1.46 -16.55
CA TYR B 140 28.85 2.35 -15.48
C TYR B 140 29.84 3.38 -16.04
N GLU B 141 30.88 2.90 -16.72
CA GLU B 141 31.91 3.75 -17.29
C GLU B 141 31.37 4.76 -18.32
N ILE B 142 30.36 4.35 -19.09
CA ILE B 142 29.81 5.24 -20.08
C ILE B 142 28.86 6.24 -19.43
N ALA B 143 27.98 5.75 -18.56
CA ALA B 143 27.00 6.60 -17.90
C ALA B 143 27.57 7.75 -17.05
N ARG B 144 28.69 7.52 -16.38
CA ARG B 144 29.23 8.59 -15.53
C ARG B 144 30.00 9.65 -16.29
N ARG B 145 30.46 9.31 -17.49
CA ARG B 145 31.20 10.25 -18.34
C ARG B 145 30.24 10.98 -19.26
N HIS B 146 29.01 10.50 -19.33
CA HIS B 146 27.96 11.07 -20.19
C HIS B 146 26.66 11.05 -19.41
N PRO B 147 26.55 11.91 -18.38
CA PRO B 147 25.38 12.01 -17.52
C PRO B 147 24.04 12.28 -18.18
N TYR B 148 24.06 12.57 -19.49
CA TYR B 148 22.82 12.83 -20.21
C TYR B 148 22.59 11.81 -21.33
N PHE B 149 23.43 10.78 -21.39
CA PHE B 149 23.28 9.75 -22.41
C PHE B 149 21.85 9.21 -22.35
N TYR B 150 21.26 9.01 -23.51
CA TYR B 150 19.87 8.53 -23.66
C TYR B 150 19.77 7.06 -23.27
N ALA B 151 19.41 6.85 -22.00
CA ALA B 151 19.27 5.53 -21.38
C ALA B 151 18.93 4.33 -22.29
N PRO B 152 17.69 4.28 -22.83
CA PRO B 152 17.29 3.17 -23.69
C PRO B 152 18.32 2.78 -24.74
N GLU B 153 18.86 3.79 -25.43
CA GLU B 153 19.85 3.58 -26.49
C GLU B 153 21.15 3.01 -25.95
N LEU B 154 21.45 3.32 -24.69
CA LEU B 154 22.67 2.83 -24.10
C LEU B 154 22.55 1.32 -23.89
N LEU B 155 21.32 0.85 -23.73
CA LEU B 155 21.07 -0.57 -23.55
C LEU B 155 21.29 -1.25 -24.88
N PHE B 156 20.88 -0.57 -25.95
CA PHE B 156 21.06 -1.11 -27.29
C PHE B 156 22.57 -1.15 -27.57
N PHE B 157 23.30 -0.14 -27.09
CA PHE B 157 24.75 -0.13 -27.29
C PHE B 157 25.40 -1.26 -26.51
N ALA B 158 24.89 -1.50 -25.30
CA ALA B 158 25.42 -2.57 -24.47
C ALA B 158 25.31 -3.90 -25.24
N LYS B 159 24.14 -4.14 -25.81
CA LYS B 159 23.89 -5.36 -26.57
C LYS B 159 24.87 -5.53 -27.73
N ARG B 160 25.06 -4.50 -28.54
CA ARG B 160 25.99 -4.58 -29.65
C ARG B 160 27.41 -4.85 -29.13
N TYR B 161 27.76 -4.20 -28.04
CA TYR B 161 29.07 -4.38 -27.42
C TYR B 161 29.27 -5.84 -27.03
N LYS B 162 28.23 -6.43 -26.48
CA LYS B 162 28.31 -7.81 -26.07
C LYS B 162 28.53 -8.70 -27.28
N ALA B 163 27.72 -8.49 -28.31
CA ALA B 163 27.81 -9.27 -29.55
C ALA B 163 29.16 -9.04 -30.23
N ALA B 164 29.90 -8.04 -29.78
CA ALA B 164 31.21 -7.75 -30.35
C ALA B 164 32.21 -8.76 -29.81
N PHE B 165 32.28 -8.86 -28.48
CA PHE B 165 33.21 -9.79 -27.83
C PHE B 165 32.88 -11.24 -28.13
N THR B 166 31.59 -11.56 -28.16
CA THR B 166 31.16 -12.92 -28.44
C THR B 166 31.74 -13.39 -29.77
N GLU B 167 31.59 -12.56 -30.80
CA GLU B 167 32.09 -12.87 -32.15
C GLU B 167 33.62 -12.91 -32.25
N CYS B 168 34.26 -11.83 -31.86
CA CYS B 168 35.72 -11.73 -31.96
C CYS B 168 36.59 -12.53 -31.00
N CYS B 169 36.13 -12.74 -29.77
CA CYS B 169 36.94 -13.47 -28.80
C CYS B 169 37.11 -14.96 -29.10
N GLN B 170 36.69 -15.37 -30.28
CA GLN B 170 36.80 -16.75 -30.72
C GLN B 170 37.20 -16.74 -32.20
N ALA B 171 38.11 -15.83 -32.55
CA ALA B 171 38.57 -15.68 -33.93
C ALA B 171 40.09 -15.79 -34.04
N ALA B 172 40.56 -16.34 -35.15
CA ALA B 172 42.00 -16.52 -35.40
C ALA B 172 42.74 -15.25 -34.98
N ASP B 173 42.26 -14.13 -35.47
CA ASP B 173 42.85 -12.84 -35.16
C ASP B 173 41.79 -11.99 -34.44
N LYS B 174 41.60 -12.28 -33.16
CA LYS B 174 40.63 -11.58 -32.33
C LYS B 174 40.83 -10.07 -32.42
N ALA B 175 42.09 -9.64 -32.43
CA ALA B 175 42.43 -8.23 -32.51
C ALA B 175 41.85 -7.54 -33.73
N ALA B 176 42.28 -7.98 -34.91
CA ALA B 176 41.81 -7.41 -36.17
C ALA B 176 40.30 -7.49 -36.35
N CYS B 177 39.63 -8.19 -35.43
CA CYS B 177 38.19 -8.34 -35.52
C CYS B 177 37.46 -7.40 -34.55
N LEU B 178 38.03 -7.22 -33.36
CA LEU B 178 37.40 -6.36 -32.35
C LEU B 178 37.73 -4.87 -32.49
N LEU B 179 39.01 -4.53 -32.61
CA LEU B 179 39.42 -3.13 -32.73
C LEU B 179 38.46 -2.36 -33.64
N PRO B 180 38.26 -2.81 -34.89
CA PRO B 180 37.37 -2.12 -35.83
C PRO B 180 35.94 -1.99 -35.31
N LYS B 181 35.43 -3.06 -34.70
CA LYS B 181 34.08 -3.07 -34.16
C LYS B 181 33.96 -2.16 -32.94
N LEU B 182 34.99 -2.16 -32.09
CA LEU B 182 35.00 -1.33 -30.89
C LEU B 182 35.14 0.13 -31.28
N ASP B 183 35.91 0.38 -32.33
CA ASP B 183 36.13 1.72 -32.85
C ASP B 183 34.81 2.36 -33.28
N GLU B 184 34.14 1.72 -34.22
CA GLU B 184 32.86 2.18 -34.74
C GLU B 184 31.83 2.39 -33.63
N LEU B 185 32.04 1.73 -32.49
CA LEU B 185 31.12 1.86 -31.37
C LEU B 185 31.42 3.11 -30.54
N ARG B 186 32.70 3.43 -30.38
CA ARG B 186 33.10 4.60 -29.61
C ARG B 186 32.54 5.86 -30.27
N ASP B 187 32.80 6.01 -31.56
CA ASP B 187 32.35 7.17 -32.31
C ASP B 187 30.85 7.36 -32.30
N GLU B 188 30.11 6.30 -32.62
CA GLU B 188 28.66 6.36 -32.66
C GLU B 188 28.08 6.66 -31.30
N GLY B 189 28.79 6.28 -30.25
CA GLY B 189 28.31 6.56 -28.90
C GLY B 189 28.57 8.02 -28.58
N LYS B 190 29.67 8.53 -29.10
CA LYS B 190 30.04 9.92 -28.87
C LYS B 190 29.07 10.87 -29.57
N ALA B 191 28.59 10.45 -30.73
CA ALA B 191 27.64 11.23 -31.53
C ALA B 191 26.29 11.15 -30.85
N SER B 192 25.97 9.94 -30.41
CA SER B 192 24.70 9.69 -29.77
C SER B 192 24.52 10.57 -28.54
N SER B 193 25.54 10.61 -27.71
CA SER B 193 25.54 11.41 -26.50
C SER B 193 25.32 12.87 -26.84
N ALA B 194 25.99 13.32 -27.90
CA ALA B 194 25.87 14.71 -28.32
C ALA B 194 24.45 15.05 -28.78
N LYS B 195 23.86 14.20 -29.62
CA LYS B 195 22.50 14.48 -30.08
C LYS B 195 21.58 14.64 -28.90
N GLN B 196 21.75 13.77 -27.90
CA GLN B 196 20.89 13.82 -26.71
C GLN B 196 21.17 15.04 -25.86
N ARG B 197 22.43 15.45 -25.77
CA ARG B 197 22.76 16.63 -24.97
C ARG B 197 22.07 17.86 -25.54
N LEU B 198 21.86 17.88 -26.86
CA LEU B 198 21.18 19.00 -27.48
C LEU B 198 19.72 18.99 -27.01
N LYS B 199 19.11 17.80 -27.01
CA LYS B 199 17.71 17.61 -26.59
C LYS B 199 17.45 18.13 -25.20
N CYS B 200 18.28 17.71 -24.25
CA CYS B 200 18.09 18.14 -22.88
C CYS B 200 18.33 19.63 -22.75
N ALA B 201 19.36 20.15 -23.44
CA ALA B 201 19.64 21.58 -23.36
C ALA B 201 18.44 22.37 -23.90
N SER B 202 17.91 21.93 -25.04
CA SER B 202 16.75 22.58 -25.64
C SER B 202 15.62 22.72 -24.63
N LEU B 203 15.31 21.62 -23.95
CA LEU B 203 14.24 21.63 -22.94
C LEU B 203 14.59 22.48 -21.72
N GLN B 204 15.72 22.20 -21.10
CA GLN B 204 16.12 22.94 -19.91
C GLN B 204 16.29 24.44 -20.10
N LYS B 205 16.97 24.85 -21.16
CA LYS B 205 17.23 26.27 -21.40
C LYS B 205 16.21 27.04 -22.23
N PHE B 206 15.69 26.41 -23.28
CA PHE B 206 14.73 27.09 -24.15
C PHE B 206 13.28 26.75 -23.97
N GLY B 207 13.00 25.66 -23.27
CA GLY B 207 11.61 25.31 -23.04
C GLY B 207 10.93 24.36 -24.00
N GLU B 208 9.83 23.82 -23.50
CA GLU B 208 8.99 22.89 -24.24
C GLU B 208 8.62 23.39 -25.62
N ARG B 209 8.19 24.64 -25.71
CA ARG B 209 7.81 25.21 -27.00
C ARG B 209 8.90 25.15 -28.08
N ALA B 210 10.16 25.38 -27.68
CA ALA B 210 11.26 25.32 -28.65
C ALA B 210 11.48 23.87 -29.09
N PHE B 211 11.36 22.93 -28.14
CA PHE B 211 11.55 21.52 -28.43
C PHE B 211 10.47 21.01 -29.37
N LYS B 212 9.22 21.27 -29.00
CA LYS B 212 8.10 20.82 -29.83
C LYS B 212 8.20 21.28 -31.26
N ALA B 213 8.63 22.52 -31.48
CA ALA B 213 8.74 23.02 -32.85
C ALA B 213 9.78 22.30 -33.68
N TRP B 214 10.96 22.09 -33.10
CA TRP B 214 12.05 21.37 -33.76
C TRP B 214 11.50 19.98 -34.13
N ALA B 215 10.82 19.34 -33.19
CA ALA B 215 10.24 18.02 -33.45
C ALA B 215 9.22 18.06 -34.58
N VAL B 216 8.28 19.02 -34.52
CA VAL B 216 7.24 19.10 -35.55
C VAL B 216 7.88 19.19 -36.92
N ALA B 217 8.87 20.07 -37.05
CA ALA B 217 9.56 20.27 -38.32
C ALA B 217 10.33 19.03 -38.79
N ARG B 218 10.99 18.35 -37.87
CA ARG B 218 11.75 17.18 -38.24
C ARG B 218 10.87 15.99 -38.60
N LEU B 219 9.83 15.73 -37.81
CA LEU B 219 8.95 14.61 -38.09
C LEU B 219 8.14 14.85 -39.35
N SER B 220 7.82 16.12 -39.62
CA SER B 220 7.08 16.44 -40.83
C SER B 220 7.95 16.15 -42.05
N GLN B 221 9.26 16.25 -41.89
CA GLN B 221 10.16 15.94 -42.98
C GLN B 221 10.21 14.43 -43.22
N ARG B 222 10.29 13.68 -42.12
CA ARG B 222 10.39 12.23 -42.14
C ARG B 222 9.09 11.52 -42.51
N PHE B 223 7.98 12.05 -42.03
CA PHE B 223 6.67 11.47 -42.29
C PHE B 223 5.79 12.47 -43.05
N PRO B 224 6.20 12.87 -44.26
CA PRO B 224 5.46 13.82 -45.09
C PRO B 224 4.03 13.44 -45.48
N LYS B 225 3.67 12.17 -45.34
CA LYS B 225 2.33 11.72 -45.68
C LYS B 225 1.35 11.76 -44.50
N ALA B 226 1.90 11.84 -43.29
CA ALA B 226 1.09 11.87 -42.08
C ALA B 226 0.32 13.19 -41.95
N GLU B 227 -0.84 13.10 -41.31
CA GLU B 227 -1.69 14.27 -41.09
C GLU B 227 -1.14 15.06 -39.90
N PHE B 228 -1.33 16.36 -39.94
CA PHE B 228 -0.84 17.23 -38.89
C PHE B 228 -1.24 16.79 -37.49
N ALA B 229 -2.43 16.21 -37.36
CA ALA B 229 -2.90 15.77 -36.07
C ALA B 229 -2.10 14.54 -35.62
N GLU B 230 -1.63 13.76 -36.58
CA GLU B 230 -0.86 12.56 -36.23
C GLU B 230 0.51 12.97 -35.73
N VAL B 231 1.18 13.86 -36.48
CA VAL B 231 2.49 14.37 -36.11
C VAL B 231 2.43 15.01 -34.74
N SER B 232 1.42 15.82 -34.51
CA SER B 232 1.27 16.49 -33.21
C SER B 232 1.17 15.45 -32.11
N LYS B 233 0.54 14.33 -32.44
CA LYS B 233 0.37 13.24 -31.49
C LYS B 233 1.74 12.65 -31.18
N LEU B 234 2.52 12.37 -32.22
CA LEU B 234 3.85 11.82 -32.00
C LEU B 234 4.69 12.80 -31.19
N VAL B 235 4.69 14.08 -31.60
CA VAL B 235 5.46 15.10 -30.90
C VAL B 235 5.16 15.15 -29.38
N THR B 236 3.88 15.15 -29.04
CA THR B 236 3.48 15.21 -27.64
C THR B 236 4.08 14.03 -26.87
N ASP B 237 4.00 12.82 -27.43
CA ASP B 237 4.55 11.67 -26.74
C ASP B 237 6.06 11.78 -26.59
N LEU B 238 6.70 12.08 -27.73
CA LEU B 238 8.13 12.22 -27.81
C LEU B 238 8.68 13.28 -26.87
N THR B 239 7.85 14.28 -26.58
CA THR B 239 8.25 15.33 -25.65
C THR B 239 8.28 14.79 -24.22
N LYS B 240 7.38 13.86 -23.92
CA LYS B 240 7.30 13.24 -22.58
C LYS B 240 8.50 12.31 -22.34
N VAL B 241 8.78 11.46 -23.32
CA VAL B 241 9.88 10.51 -23.22
C VAL B 241 11.17 11.27 -22.90
N HIS B 242 11.47 12.26 -23.74
CA HIS B 242 12.68 13.03 -23.55
C HIS B 242 12.66 13.90 -22.29
N THR B 243 11.51 14.44 -21.94
CA THR B 243 11.44 15.24 -20.73
C THR B 243 11.83 14.33 -19.58
N GLU B 244 11.29 13.11 -19.59
CA GLU B 244 11.60 12.16 -18.52
C GLU B 244 13.07 11.75 -18.54
N CYS B 245 13.57 11.23 -19.65
CA CYS B 245 14.97 10.86 -19.70
C CYS B 245 15.89 12.01 -19.27
N CYS B 246 15.64 13.22 -19.76
CA CYS B 246 16.49 14.35 -19.41
C CYS B 246 16.47 14.73 -17.95
N HIS B 247 15.31 14.58 -17.31
CA HIS B 247 15.15 14.93 -15.89
C HIS B 247 15.58 13.78 -14.95
N GLY B 248 15.97 12.64 -15.51
CA GLY B 248 16.38 11.53 -14.67
C GLY B 248 15.37 10.41 -14.45
N ASP B 249 14.13 10.60 -14.88
CA ASP B 249 13.11 9.58 -14.73
C ASP B 249 13.36 8.53 -15.82
N LEU B 250 14.47 7.82 -15.70
CA LEU B 250 14.88 6.82 -16.69
C LEU B 250 13.98 5.61 -16.92
N LEU B 251 13.36 5.08 -15.88
CA LEU B 251 12.48 3.93 -16.07
C LEU B 251 11.24 4.31 -16.86
N GLU B 252 10.63 5.45 -16.50
CA GLU B 252 9.44 5.93 -17.18
C GLU B 252 9.78 6.20 -18.64
N CYS B 253 10.95 6.79 -18.84
CA CYS B 253 11.44 7.12 -20.16
C CYS B 253 11.47 5.88 -21.03
N ALA B 254 12.15 4.86 -20.52
CA ALA B 254 12.29 3.58 -21.22
C ALA B 254 10.91 2.96 -21.51
N ASP B 255 10.06 2.97 -20.50
CA ASP B 255 8.74 2.38 -20.67
C ASP B 255 7.95 3.14 -21.74
N ASP B 256 7.92 4.46 -21.63
CA ASP B 256 7.18 5.28 -22.59
C ASP B 256 7.75 5.20 -23.98
N ARG B 257 9.07 5.08 -24.07
CA ARG B 257 9.70 4.97 -25.38
C ARG B 257 9.23 3.70 -26.08
N ALA B 258 9.10 2.62 -25.31
CA ALA B 258 8.66 1.33 -25.86
C ALA B 258 7.22 1.42 -26.36
N ASP B 259 6.35 2.00 -25.54
CA ASP B 259 4.95 2.16 -25.92
C ASP B 259 4.84 2.91 -27.24
N LEU B 260 5.60 3.99 -27.38
CA LEU B 260 5.53 4.79 -28.60
C LEU B 260 6.04 4.01 -29.81
N ALA B 261 6.93 3.05 -29.59
CA ALA B 261 7.46 2.24 -30.68
C ALA B 261 6.39 1.24 -31.09
N LYS B 262 5.61 0.83 -30.11
CA LYS B 262 4.53 -0.13 -30.33
C LYS B 262 3.45 0.61 -31.10
N TYR B 263 3.09 1.78 -30.61
CA TYR B 263 2.08 2.60 -31.27
C TYR B 263 2.44 2.76 -32.74
N ILE B 264 3.54 3.44 -32.99
CA ILE B 264 4.00 3.70 -34.34
C ILE B 264 3.86 2.52 -35.31
N CYS B 265 4.33 1.35 -34.88
CA CYS B 265 4.25 0.17 -35.73
C CYS B 265 2.83 -0.29 -35.98
N GLU B 266 1.96 -0.09 -35.00
CA GLU B 266 0.56 -0.48 -35.14
C GLU B 266 -0.19 0.42 -36.13
N ASN B 267 0.36 1.60 -36.40
CA ASN B 267 -0.29 2.53 -37.33
C ASN B 267 0.58 2.86 -38.54
N GLN B 268 1.46 1.94 -38.89
CA GLN B 268 2.39 2.10 -40.02
C GLN B 268 1.87 2.78 -41.29
N ASP B 269 0.77 2.29 -41.83
CA ASP B 269 0.23 2.86 -43.07
C ASP B 269 -0.20 4.32 -42.91
N SER B 270 -0.47 4.73 -41.68
CA SER B 270 -0.89 6.11 -41.41
C SER B 270 0.26 7.08 -41.14
N ILE B 271 1.48 6.55 -41.03
CA ILE B 271 2.65 7.37 -40.74
C ILE B 271 3.72 7.41 -41.83
N SER B 272 4.34 6.27 -42.10
CA SER B 272 5.37 6.18 -43.11
C SER B 272 5.34 4.81 -43.78
N SER B 273 6.01 4.70 -44.94
CA SER B 273 6.05 3.45 -45.66
C SER B 273 7.45 2.84 -45.57
N LYS B 274 8.37 3.54 -44.90
CA LYS B 274 9.73 3.05 -44.75
C LYS B 274 9.91 2.33 -43.40
N LEU B 275 8.86 2.27 -42.61
CA LEU B 275 8.92 1.64 -41.28
C LEU B 275 8.80 0.11 -41.23
N LYS B 276 8.23 -0.50 -42.26
CA LYS B 276 8.05 -1.96 -42.28
C LYS B 276 9.23 -2.74 -41.70
N GLU B 277 10.38 -2.70 -42.38
CA GLU B 277 11.59 -3.41 -41.93
C GLU B 277 11.79 -3.26 -40.43
N CYS B 278 11.85 -2.02 -39.97
CA CYS B 278 12.04 -1.71 -38.55
C CYS B 278 11.09 -2.45 -37.63
N CYS B 279 9.82 -2.41 -37.99
CA CYS B 279 8.83 -3.06 -37.15
C CYS B 279 8.90 -4.59 -36.98
N GLU B 280 9.83 -5.25 -37.66
CA GLU B 280 10.01 -6.71 -37.55
C GLU B 280 10.96 -6.97 -36.38
N LYS B 281 12.05 -6.22 -36.35
CA LYS B 281 13.05 -6.34 -35.30
C LYS B 281 12.48 -6.36 -33.87
N PRO B 282 13.31 -6.79 -32.89
CA PRO B 282 12.91 -6.84 -31.48
C PRO B 282 13.01 -5.48 -30.77
N LEU B 283 12.42 -5.40 -29.59
CA LEU B 283 12.38 -4.19 -28.75
C LEU B 283 13.40 -3.09 -29.04
N LEU B 284 14.62 -3.28 -28.54
CA LEU B 284 15.70 -2.31 -28.73
C LEU B 284 16.02 -1.94 -30.16
N GLU B 285 16.25 -2.94 -31.00
CA GLU B 285 16.57 -2.68 -32.40
C GLU B 285 15.39 -1.99 -33.04
N LYS B 286 14.20 -2.32 -32.56
CA LYS B 286 12.99 -1.72 -33.08
C LYS B 286 13.07 -0.19 -32.97
N SER B 287 13.06 0.30 -31.72
CA SER B 287 13.11 1.73 -31.41
C SER B 287 14.29 2.45 -32.08
N HIS B 288 15.48 1.86 -31.99
CA HIS B 288 16.66 2.48 -32.58
C HIS B 288 16.51 2.62 -34.10
N CYS B 289 15.88 1.61 -34.71
CA CYS B 289 15.65 1.57 -36.16
C CYS B 289 14.69 2.68 -36.58
N ILE B 290 13.59 2.82 -35.84
CA ILE B 290 12.60 3.84 -36.12
C ILE B 290 13.27 5.21 -36.03
N ALA B 291 14.11 5.39 -35.01
CA ALA B 291 14.83 6.63 -34.77
C ALA B 291 15.69 7.12 -35.92
N GLU B 292 16.15 6.21 -36.77
CA GLU B 292 17.02 6.62 -37.88
C GLU B 292 16.48 6.26 -39.26
N VAL B 293 15.16 6.13 -39.34
CA VAL B 293 14.51 5.77 -40.60
C VAL B 293 14.56 6.92 -41.59
N GLU B 294 14.84 6.61 -42.84
CA GLU B 294 14.91 7.61 -43.89
C GLU B 294 13.55 8.28 -44.06
N ASN B 295 13.54 9.45 -44.69
CA ASN B 295 12.30 10.18 -44.92
C ASN B 295 11.42 9.41 -45.89
N ASP B 296 10.11 9.59 -45.77
CA ASP B 296 9.20 8.92 -46.69
C ASP B 296 9.14 9.77 -47.96
N GLU B 297 8.77 9.18 -49.09
CA GLU B 297 8.67 9.93 -50.34
C GLU B 297 7.65 11.03 -50.17
N MET B 298 7.78 12.08 -50.96
CA MET B 298 6.88 13.23 -50.89
C MET B 298 5.54 13.02 -51.63
N PRO B 299 4.42 13.32 -50.96
CA PRO B 299 3.08 13.18 -51.53
C PRO B 299 2.98 13.85 -52.91
N ALA B 300 2.39 13.12 -53.86
CA ALA B 300 2.23 13.58 -55.24
C ALA B 300 1.87 15.05 -55.47
N ASP B 301 0.57 15.34 -55.50
CA ASP B 301 0.13 16.71 -55.77
C ASP B 301 -0.19 17.54 -54.55
N LEU B 302 0.82 18.26 -54.06
CA LEU B 302 0.62 19.13 -52.91
C LEU B 302 0.38 20.56 -53.36
N PRO B 303 -0.71 21.19 -52.89
CA PRO B 303 -1.07 22.57 -53.24
C PRO B 303 0.03 23.55 -52.86
N SER B 304 0.10 24.68 -53.57
CA SER B 304 1.12 25.66 -53.24
C SER B 304 0.84 26.13 -51.81
N LEU B 305 1.86 26.71 -51.19
CA LEU B 305 1.72 27.19 -49.81
C LEU B 305 1.16 28.60 -49.71
N ALA B 306 1.36 29.39 -50.76
CA ALA B 306 0.88 30.76 -50.77
C ALA B 306 -0.65 30.84 -50.69
N ALA B 307 -1.33 29.85 -51.26
CA ALA B 307 -2.79 29.82 -51.25
C ALA B 307 -3.39 30.11 -49.87
N ASP B 308 -3.07 29.24 -48.91
CA ASP B 308 -3.61 29.36 -47.56
C ASP B 308 -2.86 30.28 -46.60
N PHE B 309 -1.58 30.53 -46.87
CA PHE B 309 -0.80 31.36 -45.96
C PHE B 309 -0.43 32.75 -46.41
N VAL B 310 -0.60 33.05 -47.69
CA VAL B 310 -0.30 34.40 -48.17
C VAL B 310 -1.50 35.04 -48.84
N GLU B 311 -2.06 34.36 -49.84
CA GLU B 311 -3.21 34.87 -50.58
C GLU B 311 -4.50 34.97 -49.78
N SER B 312 -4.81 33.94 -48.99
CA SER B 312 -6.01 33.95 -48.20
C SER B 312 -6.17 35.31 -47.49
N LYS B 313 -7.42 35.66 -47.21
CA LYS B 313 -7.70 36.92 -46.53
C LYS B 313 -8.00 36.59 -45.07
N ASP B 314 -8.10 35.30 -44.77
CA ASP B 314 -8.39 34.83 -43.42
C ASP B 314 -7.12 34.62 -42.60
N VAL B 315 -5.96 34.93 -43.20
CA VAL B 315 -4.69 34.76 -42.51
C VAL B 315 -4.69 35.36 -41.10
N CYS B 316 -4.85 36.68 -41.01
CA CYS B 316 -4.87 37.33 -39.71
C CYS B 316 -5.95 36.79 -38.77
N LYS B 317 -7.12 36.45 -39.32
CA LYS B 317 -8.19 35.91 -38.48
C LYS B 317 -7.80 34.57 -37.88
N ASN B 318 -7.32 33.64 -38.72
CA ASN B 318 -6.92 32.32 -38.22
C ASN B 318 -5.71 32.41 -37.30
N TYR B 319 -4.90 33.45 -37.49
CA TYR B 319 -3.71 33.66 -36.66
C TYR B 319 -4.09 34.11 -35.25
N ALA B 320 -5.03 35.06 -35.18
CA ALA B 320 -5.50 35.59 -33.90
C ALA B 320 -6.29 34.58 -33.10
N GLU B 321 -7.11 33.79 -33.80
CA GLU B 321 -7.94 32.78 -33.15
C GLU B 321 -7.12 31.68 -32.52
N ALA B 322 -6.03 31.27 -33.18
CA ALA B 322 -5.20 30.21 -32.64
C ALA B 322 -3.75 30.29 -33.15
N LYS B 323 -3.02 31.30 -32.70
CA LYS B 323 -1.64 31.48 -33.14
C LYS B 323 -0.81 30.19 -33.16
N ASP B 324 -0.83 29.42 -32.07
CA ASP B 324 -0.08 28.18 -31.95
C ASP B 324 -0.40 27.11 -32.98
N VAL B 325 -1.69 26.83 -33.14
CA VAL B 325 -2.14 25.85 -34.10
C VAL B 325 -1.81 26.38 -35.50
N PHE B 326 -2.06 27.65 -35.72
CA PHE B 326 -1.80 28.19 -37.03
C PHE B 326 -0.34 28.10 -37.45
N LEU B 327 0.55 28.64 -36.62
CA LEU B 327 1.98 28.59 -36.93
C LEU B 327 2.44 27.16 -37.01
N GLY B 328 1.98 26.33 -36.09
CA GLY B 328 2.36 24.94 -36.10
C GLY B 328 2.01 24.31 -37.45
N MET B 329 0.84 24.64 -37.96
CA MET B 329 0.39 24.09 -39.23
C MET B 329 1.24 24.54 -40.41
N PHE B 330 1.74 25.76 -40.32
CA PHE B 330 2.59 26.35 -41.35
C PHE B 330 3.93 25.63 -41.39
N LEU B 331 4.49 25.40 -40.21
CA LEU B 331 5.77 24.72 -40.08
C LEU B 331 5.63 23.35 -40.74
N TYR B 332 4.64 22.58 -40.27
CA TYR B 332 4.35 21.26 -40.80
C TYR B 332 4.24 21.26 -42.33
N GLU B 333 3.49 22.21 -42.87
CA GLU B 333 3.31 22.31 -44.31
C GLU B 333 4.56 22.70 -45.09
N TYR B 334 5.37 23.57 -44.50
CA TYR B 334 6.59 24.01 -45.17
C TYR B 334 7.62 22.90 -45.03
N ALA B 335 7.71 22.36 -43.81
CA ALA B 335 8.66 21.28 -43.53
C ALA B 335 8.45 20.09 -44.46
N ARG B 336 7.22 19.56 -44.48
CA ARG B 336 6.89 18.40 -45.30
C ARG B 336 7.23 18.56 -46.77
N ARG B 337 7.30 19.79 -47.24
CA ARG B 337 7.63 20.06 -48.65
C ARG B 337 9.12 20.34 -48.81
N HIS B 338 9.86 20.39 -47.70
CA HIS B 338 11.28 20.70 -47.80
C HIS B 338 12.29 19.88 -47.03
N PRO B 339 12.44 18.59 -47.40
CA PRO B 339 13.40 17.71 -46.73
C PRO B 339 14.83 18.11 -47.10
N ASP B 340 14.95 19.07 -48.00
CA ASP B 340 16.26 19.56 -48.45
C ASP B 340 16.71 20.73 -47.59
N TYR B 341 15.83 21.14 -46.68
CA TYR B 341 16.13 22.25 -45.78
C TYR B 341 16.46 21.69 -44.41
N SER B 342 17.33 22.39 -43.69
CA SER B 342 17.68 21.97 -42.34
C SER B 342 16.54 22.44 -41.42
N VAL B 343 16.40 21.76 -40.28
CA VAL B 343 15.39 22.11 -39.30
C VAL B 343 15.57 23.56 -38.85
N VAL B 344 16.78 23.92 -38.44
CA VAL B 344 17.00 25.29 -38.00
C VAL B 344 16.60 26.30 -39.09
N LEU B 345 16.74 25.97 -40.37
CA LEU B 345 16.31 26.91 -41.40
C LEU B 345 14.79 27.00 -41.39
N LEU B 346 14.11 25.86 -41.32
CA LEU B 346 12.65 25.84 -41.28
C LEU B 346 12.12 26.69 -40.14
N LEU B 347 12.69 26.51 -38.95
CA LEU B 347 12.26 27.28 -37.78
C LEU B 347 12.58 28.76 -37.98
N ARG B 348 13.68 29.08 -38.65
CA ARG B 348 14.00 30.49 -38.90
C ARG B 348 12.94 31.05 -39.82
N LEU B 349 12.54 30.27 -40.82
CA LEU B 349 11.50 30.74 -41.74
C LEU B 349 10.19 30.96 -40.97
N ALA B 350 9.85 30.00 -40.10
CA ALA B 350 8.63 30.10 -39.31
C ALA B 350 8.63 31.33 -38.43
N LYS B 351 9.79 31.68 -37.89
CA LYS B 351 9.88 32.84 -37.02
C LYS B 351 9.66 34.15 -37.79
N THR B 352 10.12 34.19 -39.03
CA THR B 352 9.98 35.38 -39.88
C THR B 352 8.52 35.58 -40.27
N TYR B 353 7.87 34.47 -40.58
CA TYR B 353 6.48 34.49 -40.95
C TYR B 353 5.70 35.06 -39.76
N GLU B 354 5.95 34.52 -38.57
CA GLU B 354 5.26 35.01 -37.39
C GLU B 354 5.51 36.51 -37.16
N THR B 355 6.76 36.93 -37.24
CA THR B 355 7.12 38.33 -37.01
C THR B 355 6.39 39.24 -37.99
N THR B 356 6.26 38.78 -39.23
CA THR B 356 5.58 39.57 -40.23
C THR B 356 4.07 39.67 -39.95
N LEU B 357 3.45 38.58 -39.50
CA LEU B 357 2.02 38.63 -39.21
C LEU B 357 1.78 39.55 -38.03
N GLU B 358 2.67 39.49 -37.05
CA GLU B 358 2.54 40.31 -35.86
C GLU B 358 2.45 41.80 -36.19
N LYS B 359 3.27 42.26 -37.12
CA LYS B 359 3.25 43.68 -37.47
C LYS B 359 2.25 43.99 -38.57
N CYS B 360 2.06 43.05 -39.49
CA CYS B 360 1.14 43.22 -40.60
C CYS B 360 -0.34 43.15 -40.25
N CYS B 361 -0.71 42.30 -39.30
CA CYS B 361 -2.10 42.17 -38.92
C CYS B 361 -2.59 43.36 -38.13
N ALA B 362 -1.65 44.04 -37.47
CA ALA B 362 -1.98 45.22 -36.67
C ALA B 362 -2.05 46.43 -37.58
N ALA B 363 -1.61 46.28 -38.83
CA ALA B 363 -1.60 47.38 -39.79
C ALA B 363 -2.99 47.65 -40.36
N ALA B 364 -3.04 48.60 -41.29
CA ALA B 364 -4.29 48.99 -41.94
C ALA B 364 -4.75 47.86 -42.84
N ASP B 365 -4.09 47.73 -43.98
CA ASP B 365 -4.41 46.68 -44.93
C ASP B 365 -3.38 45.56 -44.78
N PRO B 366 -3.78 44.46 -44.11
CA PRO B 366 -2.90 43.30 -43.88
C PRO B 366 -2.45 42.64 -45.19
N HIS B 367 -3.41 42.10 -45.93
CA HIS B 367 -3.08 41.42 -47.19
C HIS B 367 -1.98 42.08 -47.98
N GLU B 368 -1.96 43.41 -47.99
CA GLU B 368 -0.95 44.16 -48.72
C GLU B 368 0.39 44.07 -48.01
N CYS B 369 0.38 44.28 -46.70
CA CYS B 369 1.59 44.24 -45.89
C CYS B 369 2.32 42.89 -45.94
N TYR B 370 1.61 41.80 -45.64
CA TYR B 370 2.20 40.47 -45.64
C TYR B 370 2.15 39.76 -46.98
N ALA B 371 1.90 40.52 -48.03
CA ALA B 371 1.81 39.97 -49.37
C ALA B 371 3.14 39.42 -49.89
N LYS B 372 4.26 40.03 -49.46
CA LYS B 372 5.55 39.58 -49.94
C LYS B 372 6.43 38.88 -48.90
N VAL B 373 5.79 38.24 -47.92
CA VAL B 373 6.53 37.55 -46.88
C VAL B 373 7.52 36.52 -47.45
N PHE B 374 7.14 35.85 -48.53
CA PHE B 374 8.03 34.85 -49.12
C PHE B 374 9.32 35.44 -49.69
N ASP B 375 9.25 36.67 -50.20
CA ASP B 375 10.43 37.32 -50.76
C ASP B 375 11.46 37.49 -49.67
N GLU B 376 11.00 37.48 -48.43
CA GLU B 376 11.87 37.63 -47.27
C GLU B 376 12.53 36.28 -46.94
N PHE B 377 11.95 35.20 -47.45
CA PHE B 377 12.49 33.87 -47.22
C PHE B 377 13.74 33.64 -48.05
N LYS B 378 13.82 34.28 -49.22
CA LYS B 378 14.96 34.14 -50.12
C LYS B 378 16.35 34.30 -49.46
N PRO B 379 16.60 35.42 -48.77
CA PRO B 379 17.90 35.60 -48.12
C PRO B 379 18.27 34.53 -47.10
N LEU B 380 17.33 34.19 -46.22
CA LEU B 380 17.61 33.20 -45.18
C LEU B 380 17.97 31.83 -45.77
N VAL B 381 17.43 31.53 -46.95
CA VAL B 381 17.70 30.25 -47.61
C VAL B 381 19.04 30.21 -48.33
N GLU B 382 19.41 31.33 -48.92
CA GLU B 382 20.66 31.40 -49.66
C GLU B 382 21.89 31.44 -48.77
N GLU B 383 21.79 32.09 -47.62
CA GLU B 383 22.92 32.20 -46.69
C GLU B 383 23.51 30.83 -46.35
N PRO B 384 22.72 29.91 -45.78
CA PRO B 384 23.31 28.60 -45.47
C PRO B 384 23.79 27.84 -46.71
N GLN B 385 23.09 27.99 -47.82
CA GLN B 385 23.49 27.29 -49.03
C GLN B 385 24.86 27.70 -49.57
N ASN B 386 25.15 28.99 -49.54
CA ASN B 386 26.43 29.48 -50.02
C ASN B 386 27.55 29.29 -49.03
N LEU B 387 27.22 29.21 -47.75
CA LEU B 387 28.22 28.96 -46.72
C LEU B 387 28.66 27.52 -46.84
N ILE B 388 27.65 26.63 -46.90
CA ILE B 388 27.92 25.22 -47.02
C ILE B 388 28.73 24.93 -48.27
N LYS B 389 28.29 25.50 -49.38
CA LYS B 389 28.93 25.29 -50.66
C LYS B 389 30.40 25.70 -50.67
N GLN B 390 30.70 26.87 -50.10
CA GLN B 390 32.07 27.37 -50.04
C GLN B 390 32.92 26.49 -49.10
N ASN B 391 32.43 26.26 -47.90
CA ASN B 391 33.17 25.46 -46.95
C ASN B 391 33.38 24.00 -47.32
N CYS B 392 32.53 23.44 -48.17
CA CYS B 392 32.76 22.05 -48.57
C CYS B 392 33.87 22.06 -49.61
N GLU B 393 33.82 23.05 -50.49
CA GLU B 393 34.83 23.21 -51.51
C GLU B 393 36.16 23.33 -50.79
N LEU B 394 36.23 24.26 -49.85
CA LEU B 394 37.44 24.45 -49.08
C LEU B 394 37.91 23.15 -48.44
N PHE B 395 36.97 22.36 -47.92
CA PHE B 395 37.30 21.08 -47.29
C PHE B 395 37.94 20.11 -48.27
N GLU B 396 37.25 19.85 -49.37
CA GLU B 396 37.72 18.94 -50.41
C GLU B 396 39.17 19.21 -50.81
N GLN B 397 39.62 20.44 -50.55
CA GLN B 397 40.98 20.83 -50.92
C GLN B 397 42.04 20.60 -49.84
N LEU B 398 41.69 20.82 -48.59
CA LEU B 398 42.64 20.67 -47.49
C LEU B 398 42.63 19.33 -46.77
N GLY B 399 41.52 18.60 -46.85
CA GLY B 399 41.44 17.33 -46.16
C GLY B 399 41.04 17.62 -44.73
N GLU B 400 40.65 16.59 -43.97
CA GLU B 400 40.21 16.81 -42.61
C GLU B 400 41.19 17.47 -41.63
N TYR B 401 42.45 17.07 -41.69
CA TYR B 401 43.43 17.63 -40.77
C TYR B 401 43.68 19.13 -40.93
N LYS B 402 44.07 19.55 -42.13
CA LYS B 402 44.34 20.95 -42.40
C LYS B 402 43.12 21.82 -42.12
N PHE B 403 41.95 21.27 -42.41
CA PHE B 403 40.70 21.99 -42.19
C PHE B 403 40.52 22.25 -40.71
N GLN B 404 40.71 21.23 -39.90
CA GLN B 404 40.57 21.38 -38.45
C GLN B 404 41.52 22.47 -37.95
N ASN B 405 42.66 22.60 -38.59
CA ASN B 405 43.62 23.61 -38.17
C ASN B 405 43.11 25.01 -38.54
N ALA B 406 42.53 25.16 -39.71
CA ALA B 406 41.99 26.45 -40.11
C ALA B 406 40.90 26.86 -39.11
N LEU B 407 40.09 25.88 -38.72
CA LEU B 407 39.01 26.12 -37.78
C LEU B 407 39.57 26.51 -36.43
N LEU B 408 40.70 25.89 -36.07
CA LEU B 408 41.34 26.17 -34.80
C LEU B 408 41.74 27.64 -34.74
N VAL B 409 42.32 28.12 -35.83
CA VAL B 409 42.74 29.52 -35.90
C VAL B 409 41.51 30.44 -35.91
N ARG B 410 40.51 30.06 -36.69
CA ARG B 410 39.27 30.84 -36.77
C ARG B 410 38.56 31.02 -35.43
N TYR B 411 38.28 29.92 -34.76
CA TYR B 411 37.59 30.02 -33.48
C TYR B 411 38.40 30.63 -32.35
N THR B 412 39.69 30.34 -32.28
CA THR B 412 40.51 30.92 -31.23
C THR B 412 40.50 32.43 -31.38
N LYS B 413 40.56 32.91 -32.61
CA LYS B 413 40.50 34.35 -32.82
C LYS B 413 39.14 34.91 -32.45
N LYS B 414 38.05 34.16 -32.73
CA LYS B 414 36.69 34.62 -32.41
C LYS B 414 36.50 34.80 -30.90
N VAL B 415 36.84 33.75 -30.16
CA VAL B 415 36.69 33.72 -28.70
C VAL B 415 37.97 33.23 -27.98
N PRO B 416 39.04 34.05 -27.98
CA PRO B 416 40.34 33.79 -27.37
C PRO B 416 40.32 33.37 -25.91
N GLN B 417 39.26 33.71 -25.18
CA GLN B 417 39.16 33.39 -23.76
C GLN B 417 38.87 31.92 -23.43
N VAL B 418 38.16 31.24 -24.33
CA VAL B 418 37.80 29.85 -24.11
C VAL B 418 39.01 28.98 -23.82
N SER B 419 38.86 28.05 -22.87
CA SER B 419 39.97 27.17 -22.51
C SER B 419 40.50 26.40 -23.73
N THR B 420 41.82 26.29 -23.83
CA THR B 420 42.49 25.59 -24.92
C THR B 420 41.98 24.18 -25.19
N PRO B 421 41.69 23.40 -24.14
CA PRO B 421 41.21 22.03 -24.38
C PRO B 421 39.88 22.08 -25.12
N THR B 422 38.99 22.97 -24.67
CA THR B 422 37.68 23.09 -25.28
C THR B 422 37.76 23.51 -26.73
N LEU B 423 38.60 24.49 -27.03
CA LEU B 423 38.70 24.94 -28.40
C LEU B 423 39.18 23.79 -29.26
N VAL B 424 40.16 23.04 -28.77
CA VAL B 424 40.71 21.93 -29.52
C VAL B 424 39.63 20.89 -29.81
N GLU B 425 38.87 20.52 -28.79
CA GLU B 425 37.83 19.52 -29.00
C GLU B 425 36.69 19.97 -29.93
N VAL B 426 36.21 21.20 -29.73
CA VAL B 426 35.12 21.72 -30.54
C VAL B 426 35.60 21.90 -31.98
N SER B 427 36.80 22.40 -32.17
CA SER B 427 37.28 22.61 -33.53
C SER B 427 37.47 21.31 -34.29
N ARG B 428 37.95 20.26 -33.61
CA ARG B 428 38.15 18.97 -34.27
C ARG B 428 36.81 18.39 -34.67
N ASN B 429 35.83 18.43 -33.76
CA ASN B 429 34.51 17.93 -34.08
C ASN B 429 33.91 18.77 -35.21
N LEU B 430 34.12 20.08 -35.19
CA LEU B 430 33.59 20.94 -36.23
C LEU B 430 34.17 20.52 -37.58
N GLY B 431 35.46 20.18 -37.61
CA GLY B 431 36.09 19.77 -38.85
C GLY B 431 35.49 18.48 -39.42
N LYS B 432 35.01 17.63 -38.53
CA LYS B 432 34.42 16.35 -38.91
C LYS B 432 33.08 16.50 -39.62
N VAL B 433 32.56 17.73 -39.68
CA VAL B 433 31.28 17.96 -40.36
C VAL B 433 31.59 17.84 -41.84
N GLY B 434 32.76 18.34 -42.21
CA GLY B 434 33.17 18.28 -43.60
C GLY B 434 33.20 16.87 -44.15
N SER B 435 33.89 15.98 -43.45
CA SER B 435 34.01 14.61 -43.91
C SER B 435 32.69 13.84 -43.85
N LYS B 436 31.86 14.14 -42.86
CA LYS B 436 30.59 13.45 -42.73
C LYS B 436 29.48 14.02 -43.63
N CYS B 437 29.58 15.30 -43.98
CA CYS B 437 28.52 15.92 -44.78
C CYS B 437 28.80 16.31 -46.20
N CYS B 438 30.01 16.77 -46.48
CA CYS B 438 30.34 17.20 -47.83
C CYS B 438 30.24 16.12 -48.91
N LYS B 439 30.37 14.86 -48.54
CA LYS B 439 30.30 13.81 -49.53
C LYS B 439 28.93 13.86 -50.21
N HIS B 440 27.90 14.14 -49.42
CA HIS B 440 26.52 14.21 -49.91
C HIS B 440 26.29 15.16 -51.06
N PRO B 441 25.23 14.88 -51.86
CA PRO B 441 24.91 15.75 -52.99
C PRO B 441 24.20 16.98 -52.47
N GLU B 442 24.51 18.13 -53.05
CA GLU B 442 23.91 19.41 -52.71
C GLU B 442 22.54 19.31 -52.04
N ALA B 443 21.70 18.43 -52.55
CA ALA B 443 20.35 18.22 -52.03
C ALA B 443 20.24 17.76 -50.58
N LYS B 444 21.31 17.18 -50.04
CA LYS B 444 21.26 16.67 -48.66
C LYS B 444 22.30 17.29 -47.72
N ARG B 445 23.12 18.19 -48.26
CA ARG B 445 24.16 18.83 -47.48
C ARG B 445 23.67 19.69 -46.32
N MET B 446 22.63 20.46 -46.56
CA MET B 446 22.10 21.35 -45.55
C MET B 446 21.59 20.71 -44.27
N PRO B 447 20.72 19.71 -44.40
CA PRO B 447 20.24 19.09 -43.16
C PRO B 447 21.41 18.51 -42.41
N CYS B 448 22.28 17.85 -43.16
CA CYS B 448 23.44 17.22 -42.57
C CYS B 448 24.34 18.20 -41.83
N ALA B 449 24.78 19.21 -42.56
CA ALA B 449 25.68 20.22 -42.03
C ALA B 449 25.16 21.05 -40.88
N GLU B 450 24.05 21.75 -41.09
CA GLU B 450 23.55 22.62 -40.05
C GLU B 450 23.06 21.94 -38.81
N ASP B 451 22.48 20.78 -38.95
CA ASP B 451 22.03 20.10 -37.79
C ASP B 451 23.23 19.48 -37.05
N TYR B 452 24.30 19.18 -37.77
CA TYR B 452 25.47 18.64 -37.10
C TYR B 452 26.22 19.80 -36.40
N LEU B 453 26.21 20.97 -37.04
CA LEU B 453 26.81 22.15 -36.45
C LEU B 453 26.06 22.56 -35.15
N SER B 454 24.75 22.29 -35.11
CA SER B 454 23.96 22.64 -33.93
C SER B 454 24.43 21.82 -32.76
N VAL B 455 24.63 20.53 -33.04
CA VAL B 455 25.09 19.62 -32.03
C VAL B 455 26.48 20.00 -31.52
N VAL B 456 27.43 20.24 -32.41
CA VAL B 456 28.76 20.61 -31.92
C VAL B 456 28.81 21.97 -31.22
N LEU B 457 28.12 22.98 -31.75
CA LEU B 457 28.13 24.27 -31.06
C LEU B 457 27.48 24.12 -29.70
N ASN B 458 26.55 23.17 -29.59
CA ASN B 458 25.91 22.98 -28.28
C ASN B 458 26.94 22.41 -27.31
N GLN B 459 27.87 21.63 -27.84
CA GLN B 459 28.89 21.08 -26.95
C GLN B 459 29.68 22.28 -26.40
N LEU B 460 30.04 23.23 -27.27
CA LEU B 460 30.76 24.43 -26.83
C LEU B 460 29.97 25.23 -25.80
N CYS B 461 28.65 25.36 -25.99
CA CYS B 461 27.85 26.10 -25.03
C CYS B 461 27.83 25.47 -23.64
N VAL B 462 27.52 24.18 -23.56
CA VAL B 462 27.44 23.55 -22.24
C VAL B 462 28.82 23.52 -21.55
N LEU B 463 29.85 23.10 -22.26
CA LEU B 463 31.16 23.11 -21.62
C LEU B 463 31.44 24.53 -21.11
N HIS B 464 31.06 25.54 -21.89
CA HIS B 464 31.28 26.93 -21.51
C HIS B 464 30.45 27.38 -20.30
N GLU B 465 29.19 26.98 -20.28
CA GLU B 465 28.28 27.35 -19.19
C GLU B 465 28.87 27.02 -17.80
N LYS B 466 29.67 25.95 -17.73
CA LYS B 466 30.28 25.56 -16.45
C LYS B 466 31.05 26.74 -15.85
N THR B 467 32.04 27.20 -16.58
CA THR B 467 32.89 28.32 -16.14
C THR B 467 32.93 29.37 -17.23
N PRO B 468 31.92 30.27 -17.25
CA PRO B 468 31.79 31.36 -18.23
C PRO B 468 33.03 32.22 -18.26
N VAL B 469 33.56 32.48 -19.43
CA VAL B 469 34.74 33.31 -19.50
C VAL B 469 34.72 34.23 -20.71
N SER B 470 33.73 34.02 -21.58
CA SER B 470 33.58 34.84 -22.78
C SER B 470 32.15 35.34 -22.92
N ASP B 471 31.99 36.66 -22.86
CA ASP B 471 30.67 37.26 -22.99
C ASP B 471 30.11 36.97 -24.37
N ARG B 472 31.01 36.84 -25.34
CA ARG B 472 30.62 36.57 -26.72
C ARG B 472 30.09 35.15 -26.90
N VAL B 473 30.61 34.20 -26.13
CA VAL B 473 30.11 32.83 -26.23
C VAL B 473 28.72 32.79 -25.59
N THR B 474 28.61 33.42 -24.43
CA THR B 474 27.38 33.48 -23.67
C THR B 474 26.25 34.05 -24.49
N LYS B 475 26.51 35.17 -25.16
CA LYS B 475 25.49 35.81 -25.98
C LYS B 475 25.05 34.94 -27.16
N CYS B 476 25.99 34.38 -27.89
CA CYS B 476 25.62 33.55 -29.01
C CYS B 476 24.85 32.27 -28.56
N CYS B 477 25.17 31.79 -27.36
CA CYS B 477 24.55 30.57 -26.81
C CYS B 477 23.15 30.75 -26.20
N THR B 478 22.90 31.86 -25.51
CA THR B 478 21.62 32.06 -24.84
C THR B 478 20.57 32.89 -25.59
N GLU B 479 21.02 33.70 -26.52
CA GLU B 479 20.13 34.57 -27.26
C GLU B 479 19.10 33.86 -28.12
N SER B 480 19.51 32.77 -28.75
CA SER B 480 18.61 32.05 -29.63
C SER B 480 19.09 30.68 -29.97
N LEU B 481 18.30 29.67 -29.66
CA LEU B 481 18.73 28.33 -29.98
C LEU B 481 18.97 28.17 -31.47
N VAL B 482 18.00 28.58 -32.27
CA VAL B 482 18.06 28.45 -33.71
C VAL B 482 19.14 29.25 -34.45
N ASN B 483 19.54 30.39 -33.90
CA ASN B 483 20.54 31.20 -34.58
C ASN B 483 21.97 31.06 -34.05
N ARG B 484 22.24 30.02 -33.26
CA ARG B 484 23.58 29.81 -32.73
C ARG B 484 24.62 29.80 -33.80
N ARG B 485 24.42 28.92 -34.78
CA ARG B 485 25.40 28.80 -35.87
C ARG B 485 25.64 30.10 -36.62
N PRO B 486 24.58 30.87 -36.89
CA PRO B 486 24.84 32.12 -37.62
C PRO B 486 25.52 33.18 -36.74
N CYS B 487 25.27 33.10 -35.46
CA CYS B 487 25.85 34.03 -34.51
C CYS B 487 27.38 33.81 -34.47
N PHE B 488 27.81 32.57 -34.25
CA PHE B 488 29.25 32.25 -34.20
C PHE B 488 29.92 32.55 -35.54
N SER B 489 29.24 32.23 -36.62
CA SER B 489 29.79 32.53 -37.95
C SER B 489 30.02 34.01 -38.16
N ALA B 490 29.18 34.84 -37.56
CA ALA B 490 29.31 36.28 -37.73
C ALA B 490 30.52 36.88 -37.01
N LEU B 491 31.02 36.21 -35.98
CA LEU B 491 32.17 36.74 -35.27
C LEU B 491 33.44 36.65 -36.11
N GLU B 492 34.29 37.64 -35.97
CA GLU B 492 35.53 37.64 -36.71
C GLU B 492 36.70 37.55 -35.76
N VAL B 493 36.98 38.66 -35.06
CA VAL B 493 38.09 38.73 -34.12
C VAL B 493 37.69 39.58 -32.92
N ASP B 494 37.97 39.09 -31.71
CA ASP B 494 37.67 39.83 -30.49
C ASP B 494 38.70 40.96 -30.36
N GLU B 495 38.29 42.17 -30.64
CA GLU B 495 39.20 43.31 -30.58
C GLU B 495 39.55 43.83 -29.19
N THR B 496 38.85 43.37 -28.15
CA THR B 496 39.15 43.85 -26.80
C THR B 496 40.05 42.87 -26.05
N TYR B 497 40.44 41.80 -26.72
CA TYR B 497 41.28 40.77 -26.11
C TYR B 497 42.76 41.17 -26.04
N VAL B 498 43.31 41.13 -24.83
CA VAL B 498 44.72 41.47 -24.66
C VAL B 498 45.52 40.17 -24.69
N PRO B 499 46.48 40.07 -25.60
CA PRO B 499 47.31 38.85 -25.68
C PRO B 499 48.01 38.61 -24.36
N LYS B 500 48.25 37.34 -24.02
CA LYS B 500 48.91 36.98 -22.76
C LYS B 500 50.41 36.79 -23.00
N GLU B 501 51.23 36.98 -21.98
CA GLU B 501 52.68 36.80 -22.12
C GLU B 501 53.07 35.31 -22.18
N PHE B 502 54.12 35.00 -22.94
CA PHE B 502 54.63 33.63 -23.09
C PHE B 502 54.96 32.93 -21.79
N ASN B 503 54.81 31.61 -21.77
CA ASN B 503 55.12 30.80 -20.60
C ASN B 503 55.91 29.56 -21.03
N ALA B 504 57.17 29.52 -20.64
CA ALA B 504 58.08 28.43 -20.98
C ALA B 504 57.40 27.07 -21.06
N GLU B 505 56.80 26.65 -19.94
CA GLU B 505 56.13 25.36 -19.86
C GLU B 505 55.21 25.00 -21.03
N THR B 506 54.53 26.00 -21.60
CA THR B 506 53.60 25.76 -22.70
C THR B 506 54.22 25.49 -24.07
N PHE B 507 55.47 25.91 -24.27
CA PHE B 507 56.13 25.68 -25.55
C PHE B 507 57.21 24.62 -25.49
N THR B 508 57.35 23.96 -24.34
CA THR B 508 58.36 22.93 -24.17
C THR B 508 57.85 21.56 -24.63
N PHE B 509 58.48 21.04 -25.68
CA PHE B 509 58.14 19.74 -26.24
C PHE B 509 59.18 18.70 -25.79
N HIS B 510 58.72 17.59 -25.24
CA HIS B 510 59.61 16.55 -24.75
C HIS B 510 59.61 15.28 -25.62
N ALA B 511 60.36 14.27 -25.17
CA ALA B 511 60.45 13.01 -25.89
C ALA B 511 59.15 12.23 -25.72
N ASP B 512 58.37 12.61 -24.72
CA ASP B 512 57.09 11.97 -24.45
C ASP B 512 56.23 12.00 -25.71
N ILE B 513 56.56 12.93 -26.61
CA ILE B 513 55.84 13.10 -27.87
C ILE B 513 56.28 12.12 -28.94
N CYS B 514 56.93 11.02 -28.52
CA CYS B 514 57.40 10.03 -29.47
C CYS B 514 56.78 8.67 -29.17
N THR B 515 56.13 8.56 -28.02
CA THR B 515 55.50 7.31 -27.61
C THR B 515 54.00 7.30 -27.87
N LEU B 516 53.45 8.46 -28.26
CA LEU B 516 52.02 8.56 -28.52
C LEU B 516 51.64 8.41 -29.99
N SER B 517 50.43 7.90 -30.21
CA SER B 517 49.88 7.67 -31.53
C SER B 517 49.98 8.87 -32.46
N GLU B 518 49.95 8.59 -33.75
CA GLU B 518 50.02 9.66 -34.75
C GLU B 518 48.91 10.67 -34.48
N LYS B 519 47.80 10.19 -33.93
CA LYS B 519 46.66 11.05 -33.63
C LYS B 519 46.89 11.93 -32.40
N GLU B 520 47.26 11.31 -31.28
CA GLU B 520 47.52 12.04 -30.04
C GLU B 520 48.64 13.04 -30.27
N ARG B 521 49.40 12.85 -31.34
CA ARG B 521 50.49 13.73 -31.69
C ARG B 521 50.01 15.02 -32.35
N GLN B 522 49.05 14.88 -33.26
CA GLN B 522 48.50 16.04 -33.94
C GLN B 522 47.75 16.90 -32.94
N ILE B 523 47.18 16.24 -31.94
CA ILE B 523 46.44 16.92 -30.90
C ILE B 523 47.39 17.82 -30.09
N LYS B 524 48.66 17.42 -30.04
CA LYS B 524 49.70 18.18 -29.33
C LYS B 524 50.09 19.38 -30.20
N LYS B 525 50.19 19.15 -31.49
CA LYS B 525 50.55 20.22 -32.42
C LYS B 525 49.41 21.24 -32.48
N GLN B 526 48.19 20.75 -32.40
CA GLN B 526 47.03 21.63 -32.47
C GLN B 526 46.90 22.44 -31.19
N THR B 527 47.22 21.81 -30.06
CA THR B 527 47.15 22.49 -28.78
C THR B 527 48.16 23.63 -28.74
N ALA B 528 49.23 23.50 -29.51
CA ALA B 528 50.25 24.54 -29.53
C ALA B 528 49.75 25.69 -30.38
N LEU B 529 49.18 25.35 -31.53
CA LEU B 529 48.65 26.34 -32.47
C LEU B 529 47.67 27.28 -31.78
N VAL B 530 46.81 26.73 -30.92
CA VAL B 530 45.84 27.54 -30.19
C VAL B 530 46.56 28.53 -29.29
N GLU B 531 47.58 28.04 -28.58
CA GLU B 531 48.37 28.86 -27.67
C GLU B 531 49.11 29.94 -28.45
N LEU B 532 49.60 29.58 -29.62
CA LEU B 532 50.30 30.52 -30.47
C LEU B 532 49.34 31.64 -30.90
N VAL B 533 48.10 31.27 -31.19
CA VAL B 533 47.11 32.26 -31.61
C VAL B 533 46.66 33.06 -30.40
N LYS B 534 46.53 32.41 -29.26
CA LYS B 534 46.14 33.16 -28.08
C LYS B 534 47.18 34.23 -27.79
N HIS B 535 48.44 34.01 -28.18
CA HIS B 535 49.45 35.02 -27.89
C HIS B 535 49.59 36.09 -28.96
N LYS B 536 49.60 35.71 -30.22
CA LYS B 536 49.71 36.68 -31.30
C LYS B 536 48.46 36.59 -32.15
N PRO B 537 47.32 37.06 -31.62
CA PRO B 537 46.05 37.01 -32.35
C PRO B 537 46.08 37.74 -33.68
N LYS B 538 46.51 39.00 -33.67
CA LYS B 538 46.57 39.77 -34.91
C LYS B 538 47.45 39.13 -35.98
N ALA B 539 48.19 38.09 -35.62
CA ALA B 539 49.08 37.41 -36.57
C ALA B 539 48.27 36.92 -37.77
N THR B 540 48.90 36.90 -38.94
CA THR B 540 48.21 36.45 -40.16
C THR B 540 48.20 34.94 -40.33
N LYS B 541 47.16 34.47 -41.02
CA LYS B 541 46.99 33.04 -41.28
C LYS B 541 48.22 32.45 -41.96
N GLU B 542 48.77 33.17 -42.93
CA GLU B 542 49.94 32.70 -43.65
C GLU B 542 51.14 32.54 -42.71
N GLN B 543 51.57 33.64 -42.10
CA GLN B 543 52.70 33.59 -41.19
C GLN B 543 52.46 32.56 -40.11
N LEU B 544 51.19 32.24 -39.86
CA LEU B 544 50.87 31.27 -38.83
C LEU B 544 51.32 29.89 -39.29
N LYS B 545 51.10 29.58 -40.56
CA LYS B 545 51.51 28.30 -41.11
C LYS B 545 53.03 28.31 -41.26
N ALA B 546 53.59 29.51 -41.39
CA ALA B 546 55.02 29.70 -41.54
C ALA B 546 55.77 29.07 -40.36
N VAL B 547 55.20 29.19 -39.17
CA VAL B 547 55.83 28.62 -37.98
C VAL B 547 55.25 27.25 -37.70
N MET B 548 54.04 27.01 -38.16
CA MET B 548 53.36 25.74 -37.96
C MET B 548 54.12 24.67 -38.75
N ASP B 549 54.37 24.96 -40.03
CA ASP B 549 55.10 24.04 -40.88
C ASP B 549 56.47 23.81 -40.27
N ASP B 550 57.00 24.86 -39.64
CA ASP B 550 58.30 24.79 -39.00
C ASP B 550 58.21 24.00 -37.70
N PHE B 551 56.98 23.82 -37.22
CA PHE B 551 56.75 23.06 -36.00
C PHE B 551 56.79 21.57 -36.32
N ALA B 552 56.55 21.24 -37.58
CA ALA B 552 56.58 19.87 -38.04
C ALA B 552 58.01 19.39 -38.06
N ALA B 553 58.91 20.25 -38.51
CA ALA B 553 60.33 19.91 -38.56
C ALA B 553 60.86 19.81 -37.13
N PHE B 554 60.32 20.64 -36.25
CA PHE B 554 60.74 20.66 -34.85
C PHE B 554 60.47 19.34 -34.13
N VAL B 555 59.49 18.57 -34.60
CA VAL B 555 59.16 17.30 -33.98
C VAL B 555 59.88 16.15 -34.68
N GLU B 556 60.35 16.43 -35.89
CA GLU B 556 61.07 15.45 -36.69
C GLU B 556 62.57 15.56 -36.41
N LYS B 557 62.93 15.63 -35.14
CA LYS B 557 64.34 15.72 -34.76
C LYS B 557 64.66 14.92 -33.51
N CYS B 558 64.04 15.26 -32.39
CA CYS B 558 64.31 14.55 -31.14
C CYS B 558 63.97 13.10 -31.08
N CYS B 559 62.77 12.77 -31.53
CA CYS B 559 62.32 11.40 -31.52
C CYS B 559 63.38 10.47 -32.13
N LYS B 560 64.40 11.06 -32.74
CA LYS B 560 65.48 10.29 -33.34
C LYS B 560 66.84 10.96 -33.12
N ALA B 561 67.30 10.99 -31.88
CA ALA B 561 68.59 11.61 -31.56
C ALA B 561 69.49 10.67 -30.75
N ASP B 562 68.90 9.56 -30.28
CA ASP B 562 69.65 8.59 -29.48
C ASP B 562 70.31 9.29 -28.30
N ASP B 563 69.64 10.31 -27.77
CA ASP B 563 70.15 11.08 -26.64
C ASP B 563 69.44 10.69 -25.35
N LYS B 564 70.19 10.66 -24.25
CA LYS B 564 69.65 10.31 -22.94
C LYS B 564 68.34 11.05 -22.70
N GLU B 565 68.33 12.33 -23.07
CA GLU B 565 67.17 13.20 -22.91
C GLU B 565 67.61 14.58 -23.38
N THR B 566 68.92 14.80 -23.34
CA THR B 566 69.54 16.05 -23.78
C THR B 566 68.69 16.68 -24.85
N CYS B 567 68.42 15.87 -25.88
CA CYS B 567 67.60 16.28 -26.99
C CYS B 567 66.53 17.27 -26.53
N PHE B 568 65.46 16.73 -25.93
CA PHE B 568 64.33 17.50 -25.43
C PHE B 568 64.56 19.00 -25.18
N ALA B 569 65.64 19.34 -24.48
CA ALA B 569 65.95 20.72 -24.14
C ALA B 569 66.81 21.53 -25.13
N GLU B 570 67.64 20.85 -25.92
CA GLU B 570 68.53 21.51 -26.86
C GLU B 570 67.87 22.08 -28.12
N GLU B 571 67.22 21.23 -28.90
CA GLU B 571 66.57 21.69 -30.13
C GLU B 571 65.36 22.50 -29.73
N GLY B 572 64.92 22.35 -28.50
CA GLY B 572 63.80 23.13 -28.03
C GLY B 572 64.32 24.56 -28.04
N LYS B 573 65.65 24.70 -28.01
CA LYS B 573 66.29 26.00 -28.01
C LYS B 573 66.18 26.64 -29.40
N LYS B 574 66.31 25.81 -30.44
CA LYS B 574 66.21 26.29 -31.81
C LYS B 574 64.75 26.65 -32.10
N LEU B 575 63.84 25.92 -31.46
CA LEU B 575 62.40 26.14 -31.63
C LEU B 575 61.98 27.47 -31.01
N VAL B 576 62.17 27.61 -29.70
CA VAL B 576 61.80 28.82 -28.99
C VAL B 576 62.42 30.06 -29.64
N ALA B 577 63.69 29.95 -30.02
CA ALA B 577 64.39 31.06 -30.66
C ALA B 577 63.62 31.54 -31.89
N ALA B 578 63.27 30.60 -32.76
CA ALA B 578 62.52 30.91 -33.97
C ALA B 578 61.10 31.30 -33.58
N SER B 579 60.64 30.74 -32.46
CA SER B 579 59.30 31.01 -31.96
C SER B 579 59.16 32.45 -31.47
N GLN B 580 60.17 32.94 -30.75
CA GLN B 580 60.16 34.29 -30.24
C GLN B 580 60.34 35.29 -31.39
N ALA B 581 60.83 34.80 -32.52
CA ALA B 581 61.06 35.62 -33.70
C ALA B 581 59.75 36.00 -34.39
N ALA B 582 59.03 35.00 -34.86
CA ALA B 582 57.77 35.22 -35.55
C ALA B 582 56.83 36.07 -34.70
N 9NF C . -24.23 -34.17 29.81
CA 9NF C . -24.81 -35.08 28.78
C 9NF C . -25.88 -36.05 29.34
CB 9NF C . -23.61 -35.85 28.13
CG 9NF C . -23.87 -36.91 27.05
CD1 9NF C . -24.42 -38.17 27.42
CD2 9NF C . -23.55 -36.68 25.66
CE1 9NF C . -24.67 -39.17 26.46
CE2 9NF C . -23.80 -37.70 24.69
CZ 9NF C . -24.37 -38.94 25.09
S1 9NF C . -24.26 -32.52 29.78
O2 9NF C . -25.60 -32.10 29.39
O3 9NF C . -23.78 -32.08 31.08
N1 9NF C . -18.23 -31.61 26.97
C1 9NF C . -23.02 -32.06 28.57
C2 9NF C . -23.44 -31.53 27.36
C3 9NF C . -22.49 -31.16 26.36
C4 9NF C . -21.11 -31.32 26.58
C5 9NF C . -20.58 -31.87 27.84
C6 9NF C . -21.56 -32.25 28.90
C7 9NF C . -21.03 -32.80 30.16
C8 9NF C . -19.63 -32.96 30.38
C9 9NF C . -18.67 -32.58 29.34
C10 9NF C . -19.12 -32.02 28.05
C11 9NF C . -17.32 -30.49 27.39
C12 9NF C . -17.33 -32.67 26.47
N 9NF D . -15.14 -11.17 35.52
CA 9NF D . -15.98 -10.03 35.12
C 9NF D . -17.04 -10.37 34.06
CB 9NF D . -15.18 -8.87 34.51
CG 9NF D . -13.91 -8.45 35.20
CD1 9NF D . -13.82 -7.19 35.85
CD2 9NF D . -12.78 -9.31 35.20
CE1 9NF D . -12.63 -6.78 36.50
CE2 9NF D . -11.57 -8.90 35.85
CZ 9NF D . -11.49 -7.64 36.49
S1 9NF D . -15.19 -11.87 37.03
O2 9NF D . -14.41 -13.08 36.94
O3 9NF D . -14.67 -10.83 37.91
N1 9NF D . -21.47 -14.79 37.34
C1 9NF D . -16.96 -12.29 37.45
C2 9NF D . -17.58 -11.45 38.40
C3 9NF D . -18.96 -11.65 38.83
C4 9NF D . -19.72 -12.70 38.31
C5 9NF D . -19.19 -13.62 37.32
C6 9NF D . -17.75 -13.45 36.84
C7 9NF D . -17.28 -14.39 35.87
C8 9NF D . -18.11 -15.44 35.37
C9 9NF D . -19.52 -15.61 35.83
C10 9NF D . -20.08 -14.70 36.83
C11 9NF D . -22.48 -14.22 36.45
C12 9NF D . -21.92 -16.19 37.60
N 9NF E . 32.03 28.41 -40.22
CA 9NF E . 33.50 28.72 -40.30
C 9NF E . 33.89 30.06 -39.62
CB 9NF E . 33.96 28.84 -41.76
CG 9NF E . 35.45 28.67 -42.05
CD1 9NF E . 36.02 27.38 -42.17
CD2 9NF E . 36.30 29.82 -42.21
CE1 9NF E . 37.39 27.22 -42.46
CE2 9NF E . 37.67 29.69 -42.48
CZ 9NF E . 38.22 28.37 -42.61
S1 9NF E . 31.39 27.29 -39.21
O2 9NF E . 32.11 27.33 -37.96
O3 9NF E . 29.97 27.59 -39.16
N1 9NF E . 30.84 22.14 -43.64
C1 9NF E . 31.64 25.65 -40.03
C2 9NF E . 32.54 24.75 -39.45
C3 9NF E . 32.81 23.45 -40.03
C4 9NF E . 32.16 23.05 -41.20
C5 9NF E . 31.19 23.91 -41.87
C6 9NF E . 30.90 25.29 -41.28
C7 9NF E . 29.94 26.13 -41.96
C8 9NF E . 29.28 25.73 -43.13
C9 9NF E . 29.55 24.41 -43.73
C10 9NF E . 30.51 23.47 -43.12
C11 9NF E . 29.68 21.20 -43.62
C12 9NF E . 31.33 22.14 -45.04
N 9NF F . 13.83 12.10 -33.63
CA 9NF F . 14.06 11.50 -32.30
C 9NF F . 15.43 10.81 -32.13
CB 9NF F . 13.04 10.41 -31.89
CG 9NF F . 12.16 9.79 -32.95
CD1 9NF F . 12.63 9.55 -34.26
CD2 9NF F . 10.80 9.42 -32.64
CE1 9NF F . 11.78 8.98 -35.24
CE2 9NF F . 9.95 8.84 -33.61
CZ 9NF F . 10.44 8.62 -34.93
S1 9NF F . 12.91 13.45 -33.92
O2 9NF F . 13.31 13.92 -35.22
O3 9NF F . 11.53 13.00 -33.81
N1 9NF F . 15.78 18.56 -30.25
C1 9NF F . 13.27 14.74 -32.63
C2 9NF F . 12.36 14.82 -31.56
C3 9NF F . 12.51 15.77 -30.48
C4 9NF F . 13.59 16.65 -30.47
C5 9NF F . 14.60 16.67 -31.51
C6 9NF F . 14.47 15.69 -32.67
C7 9NF F . 15.49 15.75 -33.68
C8 9NF F . 16.59 16.68 -33.61
C9 9NF F . 16.71 17.62 -32.48
C10 9NF F . 15.72 17.64 -31.41
C11 9NF F . 16.94 18.34 -29.40
C12 9NF F . 15.87 19.99 -30.61
#